data_9G43
#
_entry.id   9G43
#
_cell.length_a   48.271
_cell.length_b   62.943
_cell.length_c   183.284
_cell.angle_alpha   90.00
_cell.angle_beta   90.00
_cell.angle_gamma   90.00
#
_symmetry.space_group_name_H-M   'P 21 21 21'
#
loop_
_entity.id
_entity.type
_entity.pdbx_description
1 polymer 'Galactose oxidase'
2 polymer SER-HIS-SER-SER-GLY-ALA-ALA
3 non-polymer GLYCEROL
4 non-polymer 'TETRAETHYLENE GLYCOL'
5 non-polymer 'CALCIUM ION'
6 non-polymer 'CHLORIDE ION'
7 non-polymer 'BROMIDE ION'
8 water water
#
loop_
_entity_poly.entity_id
_entity_poly.type
_entity_poly.pdbx_seq_one_letter_code
_entity_poly.pdbx_strand_id
1 'polypeptide(L)'
;ASGPLPRDGWLASASDQETANENGRAANVLDGDAATLWHSRYSPAPAAPLPHTLTIDMGVVNQVAGLRYLPRFDNMNGRV
GGYSIHASSNGTSWNLLARGTWADNADEKTVTFAAASARYIRLTASTEAGNRGPWSSAAEINLLGTPPKGPGTWSPTVNF
PLVPAAAALLPGNRLLTWSAYSPITFGGETGITQSAILDLNTGAVSQAEVANTGHDMFCPGTSLLPDGRILVSGGSNSEK
TSLFSPATNTWAPGPDMNVGRGYQSNVTTSTGEVFTLGGSWSGGLGSKHGEIWSSTGGWRPLPDVPVDSILTDDPGGEFR
SDNHAWLFSAAGGRVFHAGPSREMNWISTAGTGSVTSAGTRADSADAMNGNAVMYDVGKILTMGGAPGYDNSDATARAYT
IDINNGVDVARTSDMAVSRSFANGVALPDGQVLVVGGQAHAVPFTDTGARMAPELWNPATEEWTAMAPMAVPRTYHSVAL
LLADGRVFVGGGGLCGTCTTNHLDGEIFTPPYLLNADGSARTRPTIVDAPATATAGSKISVTTGSKISKFSLMRMSSVTH
TVNTDQRRIPLTATGTYGNNTATLTLPADRGVLVPGAYMLFAMDGNGVPSVATTIQIS
;
A
2 'polypeptide(L)' SHSSGAA Q
#
loop_
_chem_comp.id
_chem_comp.type
_chem_comp.name
_chem_comp.formula
BR non-polymer 'BROMIDE ION' 'Br -1'
CA non-polymer 'CALCIUM ION' 'Ca 2'
CL non-polymer 'CHLORIDE ION' 'Cl -1'
GOL non-polymer GLYCEROL 'C3 H8 O3'
PG4 non-polymer 'TETRAETHYLENE GLYCOL' 'C8 H18 O5'
#
# COMPACT_ATOMS: atom_id res chain seq x y z
N ALA A 1 -31.61 -17.56 2.17
CA ALA A 1 -30.81 -17.08 3.32
C ALA A 1 -29.37 -16.79 2.87
N SER A 2 -28.84 -15.62 3.28
CA SER A 2 -27.47 -15.23 2.98
C SER A 2 -26.71 -15.01 4.29
N GLY A 3 -25.40 -15.13 4.23
CA GLY A 3 -24.56 -14.90 5.41
C GLY A 3 -24.04 -13.46 5.45
N PRO A 4 -23.46 -13.02 6.60
CA PRO A 4 -23.01 -11.64 6.74
C PRO A 4 -21.77 -11.38 5.90
N LEU A 5 -21.75 -10.18 5.35
CA LEU A 5 -20.58 -9.66 4.68
C LEU A 5 -19.55 -9.23 5.70
N PRO A 6 -18.25 -9.36 5.38
CA PRO A 6 -17.20 -8.83 6.27
C PRO A 6 -17.35 -7.32 6.39
N ARG A 7 -17.09 -6.75 7.56
CA ARG A 7 -17.31 -5.34 7.79
C ARG A 7 -16.01 -4.54 7.83
N ASP A 8 -14.88 -5.15 7.51
CA ASP A 8 -13.62 -4.44 7.50
C ASP A 8 -13.72 -3.25 6.54
N GLY A 9 -13.31 -2.09 7.04
CA GLY A 9 -13.29 -0.91 6.20
C GLY A 9 -14.61 -0.14 6.14
N TRP A 10 -15.71 -0.71 6.63
CA TRP A 10 -16.97 0.00 6.53
C TRP A 10 -16.95 1.28 7.35
N LEU A 11 -17.64 2.33 6.85
CA LEU A 11 -17.77 3.59 7.59
C LEU A 11 -19.24 3.93 7.67
N ALA A 12 -19.69 4.25 8.89
CA ALA A 12 -21.08 4.61 9.12
C ALA A 12 -21.18 6.11 9.34
N SER A 13 -22.32 6.65 8.91
CA SER A 13 -22.60 8.07 9.08
C SER A 13 -24.11 8.16 9.31
N ALA A 14 -24.60 9.31 9.78
CA ALA A 14 -26.03 9.37 10.14
C ALA A 14 -26.55 10.79 9.91
N SER A 15 -27.87 10.87 9.76
CA SER A 15 -28.55 12.17 9.72
C SER A 15 -28.22 13.01 10.96
N ASP A 16 -28.10 12.30 12.10
CA ASP A 16 -27.90 12.94 13.40
C ASP A 16 -27.43 11.86 14.38
N GLN A 17 -26.71 12.29 15.42
CA GLN A 17 -26.29 11.33 16.44
C GLN A 17 -26.01 12.06 17.75
N GLU A 18 -26.22 11.35 18.86
CA GLU A 18 -25.98 11.91 20.18
C GLU A 18 -24.50 11.75 20.57
N THR A 19 -23.89 12.81 21.10
CA THR A 19 -22.55 12.69 21.69
C THR A 19 -22.49 13.31 23.08
N ALA A 20 -23.44 14.18 23.44
CA ALA A 20 -23.32 15.00 24.63
C ALA A 20 -23.63 14.17 25.86
N ASN A 21 -24.76 13.44 25.84
CA ASN A 21 -25.26 12.82 27.06
C ASN A 21 -24.82 11.35 27.09
N GLU A 22 -24.49 10.81 25.92
CA GLU A 22 -23.92 9.48 25.81
C GLU A 22 -23.17 9.39 24.50
N ASN A 23 -22.43 8.28 24.33
CA ASN A 23 -21.70 8.08 23.08
C ASN A 23 -22.58 7.33 22.09
N GLY A 24 -23.34 8.09 21.28
CA GLY A 24 -24.32 7.56 20.35
C GLY A 24 -23.82 7.61 18.91
N ARG A 25 -22.49 7.63 18.73
CA ARG A 25 -21.90 7.80 17.41
C ARG A 25 -22.28 6.67 16.45
N ALA A 26 -22.49 7.05 15.18
CA ALA A 26 -22.89 6.13 14.12
C ALA A 26 -21.91 4.94 14.02
N ALA A 27 -20.60 5.19 14.19
CA ALA A 27 -19.60 4.14 14.06
C ALA A 27 -19.90 2.97 15.01
N ASN A 28 -20.64 3.23 16.10
CA ASN A 28 -20.87 2.21 17.12
C ASN A 28 -21.71 1.05 16.57
N VAL A 29 -22.34 1.19 15.39
CA VAL A 29 -23.10 0.05 14.86
C VAL A 29 -22.17 -0.97 14.21
N LEU A 30 -20.85 -0.67 14.09
CA LEU A 30 -19.94 -1.51 13.31
C LEU A 30 -18.87 -2.16 14.18
N ASP A 31 -18.93 -2.02 15.50
CA ASP A 31 -17.82 -2.43 16.36
C ASP A 31 -17.99 -3.84 16.88
N GLY A 32 -19.15 -4.48 16.67
CA GLY A 32 -19.38 -5.82 17.19
C GLY A 32 -19.86 -5.83 18.64
N ASP A 33 -19.90 -4.64 19.30
CA ASP A 33 -20.23 -4.56 20.70
C ASP A 33 -21.73 -4.31 20.86
N ALA A 34 -22.41 -5.26 21.46
CA ALA A 34 -23.84 -5.13 21.74
C ALA A 34 -24.18 -3.99 22.70
N ALA A 35 -23.17 -3.49 23.46
CA ALA A 35 -23.42 -2.47 24.46
C ALA A 35 -23.15 -1.07 23.91
N THR A 36 -22.63 -0.93 22.67
CA THR A 36 -22.40 0.41 22.11
C THR A 36 -23.43 0.67 21.03
N LEU A 37 -23.99 1.88 21.03
CA LEU A 37 -25.11 2.20 20.12
C LEU A 37 -24.82 3.42 19.27
N TRP A 38 -25.41 3.42 18.06
CA TRP A 38 -25.84 4.68 17.45
C TRP A 38 -27.15 5.07 18.13
N HIS A 39 -27.22 6.36 18.51
CA HIS A 39 -28.46 6.95 19.00
C HIS A 39 -28.68 8.26 18.25
N SER A 40 -29.89 8.48 17.79
CA SER A 40 -30.26 9.77 17.22
C SER A 40 -30.01 10.90 18.24
N ARG A 41 -29.73 12.11 17.78
CA ARG A 41 -29.39 13.23 18.66
C ARG A 41 -30.60 13.65 19.47
N TYR A 42 -30.44 13.71 20.81
CA TYR A 42 -31.53 14.23 21.63
C TYR A 42 -31.12 15.40 22.49
N SER A 43 -29.81 15.67 22.58
CA SER A 43 -29.32 16.72 23.46
C SER A 43 -28.27 17.55 22.75
N PRO A 44 -28.10 18.84 23.10
CA PRO A 44 -29.02 19.59 23.97
C PRO A 44 -30.39 19.74 23.31
N ALA A 45 -31.43 19.83 24.12
CA ALA A 45 -32.78 19.93 23.58
C ALA A 45 -32.84 21.19 22.74
N PRO A 46 -33.69 21.26 21.69
CA PRO A 46 -34.67 20.20 21.37
C PRO A 46 -34.06 18.97 20.64
N ALA A 47 -34.68 17.78 20.79
CA ALA A 47 -34.16 16.55 20.19
C ALA A 47 -34.45 16.56 18.70
N ALA A 48 -33.62 15.85 17.94
CA ALA A 48 -33.78 15.75 16.49
C ALA A 48 -34.98 14.87 16.20
N PRO A 49 -35.93 15.32 15.35
CA PRO A 49 -37.15 14.55 15.08
C PRO A 49 -36.91 13.35 14.17
N LEU A 50 -37.82 12.37 14.22
CA LEU A 50 -37.90 11.32 13.21
C LEU A 50 -38.30 11.97 11.88
N PRO A 51 -37.96 11.39 10.72
CA PRO A 51 -37.11 10.20 10.62
C PRO A 51 -35.62 10.43 10.83
N HIS A 52 -34.90 9.33 11.08
CA HIS A 52 -33.44 9.39 11.21
C HIS A 52 -32.87 8.39 10.21
N THR A 53 -31.63 8.66 9.74
CA THR A 53 -31.02 7.70 8.81
C THR A 53 -29.62 7.33 9.27
N LEU A 54 -29.22 6.11 8.87
CA LEU A 54 -27.87 5.60 9.16
C LEU A 54 -27.38 5.02 7.82
N THR A 55 -26.27 5.58 7.33
CA THR A 55 -25.68 5.14 6.05
C THR A 55 -24.37 4.39 6.28
N ILE A 56 -24.23 3.27 5.57
CA ILE A 56 -22.97 2.53 5.60
C ILE A 56 -22.34 2.61 4.20
N ASP A 57 -21.08 3.08 4.18
CA ASP A 57 -20.27 2.99 3.00
C ASP A 57 -19.35 1.79 3.14
N MET A 58 -19.60 0.75 2.35
CA MET A 58 -18.82 -0.49 2.50
C MET A 58 -17.45 -0.37 1.86
N GLY A 59 -17.21 0.66 1.02
CA GLY A 59 -15.94 0.85 0.35
C GLY A 59 -15.69 -0.05 -0.85
N VAL A 60 -16.66 -0.92 -1.16
N VAL A 60 -16.65 -0.96 -1.14
CA VAL A 60 -16.56 -1.87 -2.26
CA VAL A 60 -16.56 -2.02 -2.14
C VAL A 60 -18.00 -2.10 -2.70
C VAL A 60 -17.98 -2.24 -2.64
N VAL A 61 -18.11 -2.67 -3.90
CA VAL A 61 -19.43 -2.99 -4.44
C VAL A 61 -19.69 -4.45 -4.15
N ASN A 62 -20.49 -4.67 -3.11
CA ASN A 62 -20.92 -6.01 -2.69
C ASN A 62 -22.27 -6.34 -3.33
N GLN A 63 -22.63 -7.62 -3.31
CA GLN A 63 -24.00 -8.03 -3.56
C GLN A 63 -24.70 -8.08 -2.21
N VAL A 64 -25.71 -7.23 -1.99
CA VAL A 64 -26.40 -7.15 -0.71
C VAL A 64 -27.79 -7.77 -0.85
N ALA A 65 -28.10 -8.72 0.04
CA ALA A 65 -29.35 -9.46 0.00
C ALA A 65 -30.08 -9.40 1.35
N GLY A 66 -29.57 -8.61 2.30
CA GLY A 66 -30.32 -8.49 3.54
C GLY A 66 -29.65 -7.55 4.53
N LEU A 67 -30.36 -7.25 5.64
CA LEU A 67 -29.85 -6.38 6.68
C LEU A 67 -30.31 -6.95 8.01
N ARG A 68 -29.38 -6.97 8.96
CA ARG A 68 -29.73 -7.40 10.32
C ARG A 68 -29.54 -6.24 11.28
N TYR A 69 -30.60 -6.00 12.07
CA TYR A 69 -30.64 -4.88 13.02
C TYR A 69 -30.68 -5.45 14.43
N LEU A 70 -29.66 -5.11 15.24
CA LEU A 70 -29.66 -5.56 16.62
C LEU A 70 -30.01 -4.35 17.50
N PRO A 71 -31.15 -4.38 18.20
CA PRO A 71 -31.52 -3.25 19.06
C PRO A 71 -30.67 -3.28 20.33
N ARG A 72 -30.65 -2.16 21.07
CA ARG A 72 -30.02 -2.12 22.38
C ARG A 72 -30.68 -3.12 23.32
N PHE A 73 -29.92 -3.55 24.33
CA PHE A 73 -30.44 -4.57 25.25
C PHE A 73 -30.92 -4.00 26.57
N ASP A 74 -30.65 -2.73 26.84
CA ASP A 74 -30.80 -2.15 28.19
C ASP A 74 -32.15 -1.48 28.41
N ASN A 75 -32.78 -0.99 27.32
CA ASN A 75 -34.13 -0.46 27.41
C ASN A 75 -34.79 -0.49 26.04
N MET A 76 -36.01 0.06 25.95
CA MET A 76 -36.76 -0.04 24.70
C MET A 76 -36.61 1.21 23.84
N ASN A 77 -35.93 2.24 24.36
CA ASN A 77 -35.94 3.56 23.71
C ASN A 77 -35.19 3.58 22.39
N GLY A 78 -35.93 3.96 21.35
CA GLY A 78 -35.26 4.10 20.07
C GLY A 78 -35.34 2.84 19.21
N ARG A 79 -35.95 1.75 19.70
CA ARG A 79 -36.21 0.61 18.83
C ARG A 79 -36.88 1.10 17.55
N VAL A 80 -36.35 0.69 16.40
CA VAL A 80 -36.87 1.18 15.13
C VAL A 80 -38.13 0.39 14.81
N GLY A 81 -39.21 1.13 14.51
CA GLY A 81 -40.45 0.53 14.03
C GLY A 81 -40.50 0.47 12.51
N GLY A 82 -41.09 1.52 11.89
CA GLY A 82 -41.10 1.67 10.45
C GLY A 82 -39.67 1.84 9.93
N TYR A 83 -39.32 1.10 8.87
CA TYR A 83 -38.00 1.24 8.27
C TYR A 83 -38.12 1.21 6.75
N SER A 84 -37.08 1.81 6.12
CA SER A 84 -36.82 1.64 4.70
C SER A 84 -35.34 1.32 4.55
N ILE A 85 -35.02 0.58 3.49
CA ILE A 85 -33.62 0.29 3.18
C ILE A 85 -33.39 0.68 1.72
N HIS A 86 -32.41 1.56 1.51
CA HIS A 86 -32.04 1.98 0.16
C HIS A 86 -30.60 1.56 -0.13
N ALA A 87 -30.27 1.41 -1.41
CA ALA A 87 -28.95 1.01 -1.88
C ALA A 87 -28.47 2.00 -2.93
N SER A 88 -27.16 2.19 -3.00
CA SER A 88 -26.56 3.00 -4.05
C SER A 88 -25.23 2.39 -4.46
N SER A 89 -24.89 2.52 -5.76
CA SER A 89 -23.55 2.17 -6.21
C SER A 89 -22.65 3.40 -6.26
N ASN A 90 -23.22 4.57 -6.60
CA ASN A 90 -22.42 5.77 -6.79
C ASN A 90 -22.53 6.69 -5.58
N GLY A 91 -23.50 6.41 -4.71
CA GLY A 91 -23.71 7.24 -3.55
C GLY A 91 -24.61 8.45 -3.83
N THR A 92 -25.02 8.61 -5.10
CA THR A 92 -25.80 9.76 -5.52
C THR A 92 -27.24 9.33 -5.84
N SER A 93 -27.40 8.19 -6.53
CA SER A 93 -28.73 7.72 -6.85
C SER A 93 -29.05 6.47 -6.03
N TRP A 94 -30.27 6.46 -5.47
CA TRP A 94 -30.67 5.50 -4.45
C TRP A 94 -31.87 4.70 -4.93
N ASN A 95 -31.86 3.39 -4.65
CA ASN A 95 -32.96 2.52 -4.99
C ASN A 95 -33.54 1.89 -3.73
N LEU A 96 -34.87 1.88 -3.61
CA LEU A 96 -35.54 1.29 -2.45
C LEU A 96 -35.51 -0.24 -2.59
N LEU A 97 -34.92 -0.94 -1.58
CA LEU A 97 -34.86 -2.40 -1.58
C LEU A 97 -35.96 -3.01 -0.71
N ALA A 98 -36.35 -2.30 0.37
CA ALA A 98 -37.27 -2.90 1.34
C ALA A 98 -37.91 -1.79 2.20
N ARG A 99 -39.15 -2.04 2.65
CA ARG A 99 -39.83 -1.13 3.56
C ARG A 99 -40.77 -1.97 4.41
N GLY A 100 -40.86 -1.67 5.70
CA GLY A 100 -41.69 -2.50 6.57
C GLY A 100 -41.79 -1.88 7.95
N THR A 101 -42.31 -2.65 8.91
CA THR A 101 -42.34 -2.24 10.31
C THR A 101 -41.85 -3.41 11.15
N TRP A 102 -40.88 -3.13 12.01
CA TRP A 102 -40.39 -4.12 12.93
C TRP A 102 -41.20 -4.09 14.22
N ALA A 103 -41.37 -5.28 14.82
CA ALA A 103 -42.15 -5.41 16.05
C ALA A 103 -41.38 -4.76 17.20
N ASP A 104 -42.12 -4.35 18.23
CA ASP A 104 -41.53 -3.73 19.41
C ASP A 104 -41.03 -4.78 20.40
N ASN A 105 -39.89 -5.40 20.08
CA ASN A 105 -39.27 -6.36 20.99
C ASN A 105 -37.74 -6.25 20.83
N ALA A 106 -36.97 -6.99 21.67
CA ALA A 106 -35.52 -6.89 21.67
C ALA A 106 -34.89 -7.89 20.68
N ASP A 107 -35.68 -8.63 19.90
CA ASP A 107 -35.09 -9.62 18.99
C ASP A 107 -34.26 -8.94 17.89
N GLU A 108 -33.15 -9.57 17.49
CA GLU A 108 -32.47 -9.12 16.28
C GLU A 108 -33.43 -9.29 15.10
N LYS A 109 -33.53 -8.25 14.27
CA LYS A 109 -34.44 -8.21 13.13
C LYS A 109 -33.65 -8.45 11.84
N THR A 110 -34.18 -9.32 10.97
CA THR A 110 -33.59 -9.60 9.67
C THR A 110 -34.58 -9.25 8.56
N VAL A 111 -34.09 -8.50 7.57
CA VAL A 111 -34.85 -8.20 6.37
C VAL A 111 -34.06 -8.79 5.20
N THR A 112 -34.74 -9.56 4.33
CA THR A 112 -34.07 -10.13 3.17
C THR A 112 -34.76 -9.62 1.90
N PHE A 113 -34.03 -9.66 0.78
CA PHE A 113 -34.52 -9.15 -0.49
C PHE A 113 -33.62 -9.71 -1.59
N ALA A 114 -34.07 -9.55 -2.84
CA ALA A 114 -33.25 -9.98 -3.96
C ALA A 114 -31.89 -9.28 -3.87
N ALA A 115 -30.83 -10.01 -4.22
CA ALA A 115 -29.49 -9.44 -4.15
C ALA A 115 -29.44 -8.22 -5.08
N ALA A 116 -28.76 -7.16 -4.61
CA ALA A 116 -28.59 -5.91 -5.32
C ALA A 116 -27.13 -5.49 -5.22
N SER A 117 -26.54 -4.99 -6.30
CA SER A 117 -25.19 -4.44 -6.23
C SER A 117 -25.26 -3.15 -5.47
N ALA A 118 -24.32 -2.95 -4.54
CA ALA A 118 -24.34 -1.69 -3.81
C ALA A 118 -22.99 -1.47 -3.16
N ARG A 119 -22.56 -0.21 -3.12
CA ARG A 119 -21.48 0.19 -2.21
C ARG A 119 -22.01 0.80 -0.91
N TYR A 120 -23.20 1.41 -0.97
CA TYR A 120 -23.79 2.12 0.15
C TYR A 120 -25.14 1.51 0.43
N ILE A 121 -25.45 1.35 1.74
CA ILE A 121 -26.78 0.96 2.19
C ILE A 121 -27.19 1.97 3.26
N ARG A 122 -28.43 2.42 3.13
CA ARG A 122 -28.98 3.38 4.09
C ARG A 122 -30.21 2.78 4.75
N LEU A 123 -30.21 2.76 6.07
CA LEU A 123 -31.41 2.45 6.85
C LEU A 123 -32.08 3.76 7.23
N THR A 124 -33.37 3.86 6.91
CA THR A 124 -34.19 4.97 7.40
C THR A 124 -35.12 4.43 8.46
N ALA A 125 -35.09 5.09 9.65
CA ALA A 125 -35.99 4.77 10.75
C ALA A 125 -37.09 5.84 10.76
N SER A 126 -38.32 5.38 10.47
N SER A 126 -38.31 5.43 10.41
CA SER A 126 -39.46 6.26 10.20
CA SER A 126 -39.39 6.42 10.29
C SER A 126 -40.36 6.42 11.42
C SER A 126 -40.18 6.55 11.60
N THR A 127 -40.31 5.46 12.35
CA THR A 127 -41.05 5.49 13.60
C THR A 127 -40.21 4.82 14.69
N GLU A 128 -40.55 5.13 15.94
CA GLU A 128 -40.06 4.43 17.11
C GLU A 128 -41.10 3.35 17.41
N ALA A 129 -40.64 2.11 17.64
CA ALA A 129 -41.56 0.98 17.60
C ALA A 129 -42.68 1.09 18.65
N GLY A 130 -42.49 1.80 19.76
CA GLY A 130 -43.56 1.95 20.71
C GLY A 130 -44.07 3.38 20.79
N ASN A 131 -43.77 4.19 19.76
CA ASN A 131 -44.09 5.62 19.71
C ASN A 131 -43.68 6.31 21.01
N ARG A 132 -42.51 5.98 21.57
CA ARG A 132 -42.15 6.46 22.90
C ARG A 132 -41.51 7.84 22.85
N GLY A 133 -40.91 8.18 21.73
CA GLY A 133 -40.17 9.42 21.65
C GLY A 133 -39.58 9.52 20.26
N PRO A 134 -38.93 10.65 19.92
CA PRO A 134 -38.50 10.91 18.56
C PRO A 134 -37.14 10.26 18.27
N TRP A 135 -36.99 9.00 18.71
CA TRP A 135 -35.65 8.41 18.78
C TRP A 135 -35.49 7.22 17.88
N SER A 136 -34.24 7.05 17.42
CA SER A 136 -33.78 5.81 16.82
C SER A 136 -32.45 5.40 17.45
N SER A 137 -32.29 4.09 17.74
CA SER A 137 -31.01 3.58 18.22
C SER A 137 -30.74 2.22 17.59
N ALA A 138 -29.46 1.84 17.53
CA ALA A 138 -29.10 0.52 17.00
C ALA A 138 -27.79 0.14 17.65
N ALA A 139 -27.72 -1.11 18.15
CA ALA A 139 -26.46 -1.57 18.73
C ALA A 139 -25.52 -2.06 17.64
N GLU A 140 -26.06 -2.77 16.64
CA GLU A 140 -25.23 -3.36 15.57
C GLU A 140 -26.07 -3.42 14.31
N ILE A 141 -25.42 -3.18 13.16
N ILE A 141 -25.38 -3.19 13.17
CA ILE A 141 -26.07 -3.41 11.88
CA ILE A 141 -25.96 -3.36 11.84
C ILE A 141 -25.10 -4.24 11.04
C ILE A 141 -25.04 -4.30 11.09
N ASN A 142 -25.60 -5.39 10.55
CA ASN A 142 -24.88 -6.28 9.64
C ASN A 142 -25.61 -6.29 8.32
N LEU A 143 -24.87 -6.58 7.25
CA LEU A 143 -25.45 -6.62 5.91
C LEU A 143 -25.12 -8.00 5.35
N LEU A 144 -26.15 -8.65 4.77
CA LEU A 144 -26.03 -10.01 4.28
C LEU A 144 -25.80 -9.98 2.77
N GLY A 145 -25.03 -10.93 2.27
CA GLY A 145 -24.80 -10.95 0.83
C GLY A 145 -23.48 -11.63 0.53
N THR A 146 -22.89 -11.28 -0.62
N THR A 146 -22.86 -11.21 -0.59
CA THR A 146 -21.67 -11.95 -1.05
CA THR A 146 -21.69 -11.92 -1.05
C THR A 146 -20.72 -10.89 -1.59
C THR A 146 -20.71 -10.90 -1.61
N PRO A 147 -19.41 -11.04 -1.36
CA PRO A 147 -18.41 -10.13 -1.93
C PRO A 147 -18.26 -10.35 -3.43
N PRO A 148 -17.74 -9.37 -4.16
CA PRO A 148 -17.53 -9.55 -5.60
C PRO A 148 -16.53 -10.68 -5.85
N LYS A 149 -16.73 -11.32 -7.00
CA LYS A 149 -15.92 -12.43 -7.42
C LYS A 149 -15.01 -11.91 -8.52
N GLY A 150 -13.77 -11.64 -8.17
CA GLY A 150 -12.82 -11.06 -9.12
C GLY A 150 -13.07 -9.57 -9.28
N PRO A 151 -12.25 -8.90 -10.12
CA PRO A 151 -11.18 -9.54 -10.88
C PRO A 151 -9.99 -9.90 -9.99
N GLY A 152 -9.22 -10.90 -10.42
CA GLY A 152 -8.11 -11.35 -9.61
C GLY A 152 -8.60 -12.26 -8.47
N THR A 153 -7.65 -12.89 -7.77
CA THR A 153 -8.00 -13.75 -6.64
C THR A 153 -6.93 -13.62 -5.58
N TRP A 154 -7.31 -13.97 -4.33
CA TRP A 154 -6.42 -13.91 -3.18
C TRP A 154 -6.17 -15.31 -2.64
N SER A 155 -4.90 -15.52 -2.24
CA SER A 155 -4.57 -16.73 -1.50
C SER A 155 -5.22 -16.69 -0.11
N PRO A 156 -5.28 -17.84 0.60
CA PRO A 156 -5.54 -17.81 2.03
C PRO A 156 -4.40 -17.03 2.69
N THR A 157 -4.62 -16.62 3.95
CA THR A 157 -3.58 -15.86 4.66
C THR A 157 -2.35 -16.74 4.88
N VAL A 158 -1.20 -16.08 4.92
CA VAL A 158 0.10 -16.72 5.13
C VAL A 158 0.57 -16.30 6.52
N ASN A 159 0.81 -17.29 7.38
CA ASN A 159 1.22 -17.02 8.76
C ASN A 159 2.61 -16.41 8.77
N PHE A 160 2.83 -15.36 9.61
CA PHE A 160 4.16 -14.86 9.91
C PHE A 160 4.40 -14.82 11.41
N PRO A 161 5.68 -14.91 11.85
CA PRO A 161 5.96 -14.91 13.30
C PRO A 161 6.23 -13.49 13.82
N LEU A 162 5.88 -12.49 13.00
CA LEU A 162 6.07 -11.09 13.32
C LEU A 162 5.14 -10.31 12.41
N VAL A 163 5.01 -8.99 12.65
CA VAL A 163 4.28 -8.13 11.71
C VAL A 163 5.29 -7.71 10.65
N PRO A 164 5.11 -8.10 9.36
CA PRO A 164 6.14 -7.79 8.35
C PRO A 164 5.94 -6.35 7.86
N ALA A 165 6.51 -5.40 8.63
CA ALA A 165 6.37 -3.97 8.33
C ALA A 165 7.46 -3.46 7.39
N ALA A 166 8.44 -4.30 7.05
CA ALA A 166 9.42 -4.04 6.00
C ALA A 166 9.62 -5.34 5.25
N ALA A 167 9.88 -5.25 3.93
CA ALA A 167 10.04 -6.45 3.11
C ALA A 167 10.99 -6.16 1.96
N ALA A 168 11.61 -7.23 1.44
CA ALA A 168 12.46 -7.13 0.26
C ALA A 168 12.43 -8.46 -0.48
N LEU A 169 12.33 -8.38 -1.82
CA LEU A 169 12.33 -9.63 -2.58
C LEU A 169 13.76 -10.10 -2.80
N LEU A 170 13.96 -11.42 -2.65
CA LEU A 170 15.25 -12.06 -2.90
C LEU A 170 15.15 -12.93 -4.16
N PRO A 171 16.29 -13.18 -4.85
CA PRO A 171 16.27 -14.17 -5.93
C PRO A 171 15.84 -15.54 -5.41
N GLY A 172 15.28 -16.34 -6.33
CA GLY A 172 14.93 -17.71 -5.99
C GLY A 172 13.61 -17.82 -5.25
N ASN A 173 12.73 -16.83 -5.44
CA ASN A 173 11.35 -16.84 -4.95
C ASN A 173 11.34 -16.90 -3.43
N ARG A 174 12.07 -15.98 -2.80
CA ARG A 174 11.99 -15.86 -1.34
C ARG A 174 11.80 -14.40 -0.96
N LEU A 175 11.15 -14.17 0.18
CA LEU A 175 10.80 -12.82 0.59
C LEU A 175 11.36 -12.59 1.99
N LEU A 176 12.21 -11.60 2.14
CA LEU A 176 12.73 -11.18 3.45
C LEU A 176 11.77 -10.18 4.08
N THR A 177 11.49 -10.34 5.37
CA THR A 177 10.67 -9.38 6.09
C THR A 177 11.28 -9.14 7.46
N TRP A 178 10.95 -7.99 8.05
CA TRP A 178 11.38 -7.78 9.43
C TRP A 178 10.45 -6.81 10.12
N SER A 179 10.51 -6.82 11.46
CA SER A 179 9.68 -5.93 12.28
C SER A 179 10.56 -4.92 13.02
N ALA A 180 11.01 -5.32 14.24
CA ALA A 180 11.77 -4.43 15.12
C ALA A 180 12.40 -5.36 16.14
N TYR A 181 12.77 -4.83 17.32
CA TYR A 181 13.38 -5.71 18.33
C TYR A 181 12.40 -6.81 18.75
N SER A 182 11.10 -6.51 18.66
CA SER A 182 10.03 -7.44 18.99
C SER A 182 9.28 -7.85 17.71
N PRO A 183 8.63 -9.05 17.70
CA PRO A 183 7.72 -9.43 16.63
C PRO A 183 6.52 -8.49 16.48
N ILE A 184 6.08 -7.82 17.57
CA ILE A 184 4.78 -7.15 17.57
C ILE A 184 4.82 -5.71 18.07
N THR A 185 5.99 -5.20 18.49
CA THR A 185 6.08 -3.82 18.94
C THR A 185 7.45 -3.26 18.57
N PHE A 186 7.65 -1.96 18.86
CA PHE A 186 8.90 -1.28 18.56
C PHE A 186 9.22 -0.40 19.75
N GLY A 187 10.44 0.15 19.76
CA GLY A 187 10.77 1.15 20.77
C GLY A 187 12.24 1.02 21.19
N GLY A 188 12.82 2.13 21.65
CA GLY A 188 14.21 2.12 22.08
C GLY A 188 15.19 2.02 20.92
N GLU A 189 16.43 1.71 21.26
CA GLU A 189 17.53 1.58 20.32
C GLU A 189 18.36 0.35 20.65
N THR A 190 17.68 -0.81 20.66
CA THR A 190 18.32 -1.94 21.30
C THR A 190 19.18 -2.81 20.39
N GLY A 191 19.33 -2.47 19.10
CA GLY A 191 20.34 -3.14 18.30
C GLY A 191 19.98 -4.55 17.88
N ILE A 192 18.69 -4.91 17.94
CA ILE A 192 18.22 -6.24 17.57
C ILE A 192 17.04 -6.08 16.63
N THR A 193 16.97 -6.92 15.58
CA THR A 193 15.79 -6.93 14.71
C THR A 193 15.30 -8.36 14.56
N GLN A 194 13.98 -8.56 14.66
CA GLN A 194 13.39 -9.86 14.33
C GLN A 194 13.11 -9.90 12.82
N SER A 195 13.56 -10.99 12.16
CA SER A 195 13.35 -11.15 10.72
C SER A 195 12.67 -12.48 10.42
N ALA A 196 12.05 -12.57 9.25
CA ALA A 196 11.40 -13.80 8.81
C ALA A 196 11.48 -13.86 7.29
N ILE A 197 11.99 -14.98 6.76
CA ILE A 197 12.05 -15.19 5.31
C ILE A 197 10.99 -16.22 4.92
N LEU A 198 10.10 -15.81 4.00
CA LEU A 198 9.10 -16.69 3.44
C LEU A 198 9.63 -17.30 2.15
N ASP A 199 9.62 -18.63 2.08
CA ASP A 199 9.93 -19.32 0.84
C ASP A 199 8.62 -19.40 0.05
N LEU A 200 8.55 -18.68 -1.09
CA LEU A 200 7.30 -18.61 -1.84
C LEU A 200 7.02 -19.88 -2.63
N ASN A 201 8.02 -20.78 -2.76
CA ASN A 201 7.79 -22.07 -3.38
C ASN A 201 7.05 -23.03 -2.45
N THR A 202 7.52 -23.11 -1.19
CA THR A 202 7.04 -24.15 -0.28
C THR A 202 6.11 -23.59 0.79
N GLY A 203 6.08 -22.26 1.01
CA GLY A 203 5.32 -21.69 2.11
C GLY A 203 6.07 -21.70 3.43
N ALA A 204 7.27 -22.27 3.50
CA ALA A 204 7.98 -22.34 4.78
C ALA A 204 8.48 -20.95 5.18
N VAL A 205 8.51 -20.67 6.49
CA VAL A 205 9.06 -19.44 7.01
C VAL A 205 10.26 -19.78 7.89
N SER A 206 11.34 -19.01 7.75
CA SER A 206 12.55 -19.12 8.56
C SER A 206 12.70 -17.86 9.40
N GLN A 207 12.65 -17.95 10.74
CA GLN A 207 12.72 -16.78 11.61
CA GLN A 207 12.72 -16.81 11.65
C GLN A 207 14.17 -16.66 12.08
N ALA A 208 14.66 -15.43 12.19
CA ALA A 208 15.99 -15.23 12.81
C ALA A 208 16.04 -13.87 13.48
N GLU A 209 16.63 -13.83 14.66
CA GLU A 209 16.95 -12.60 15.34
C GLU A 209 18.30 -12.12 14.81
N VAL A 210 18.37 -10.85 14.39
CA VAL A 210 19.57 -10.23 13.86
C VAL A 210 20.14 -9.28 14.89
N ALA A 211 21.22 -9.71 15.56
CA ALA A 211 21.85 -8.94 16.62
C ALA A 211 23.29 -8.56 16.26
N ASN A 212 23.83 -9.13 15.18
CA ASN A 212 25.24 -8.96 14.94
C ASN A 212 25.62 -7.63 14.33
N THR A 213 24.64 -6.81 13.94
CA THR A 213 24.96 -5.49 13.37
C THR A 213 24.55 -4.36 14.33
N GLY A 214 24.11 -4.69 15.56
CA GLY A 214 23.78 -3.65 16.55
C GLY A 214 22.70 -2.70 16.03
N HIS A 215 21.74 -3.25 15.28
CA HIS A 215 20.81 -2.39 14.56
C HIS A 215 19.39 -2.95 14.67
N ASP A 216 18.51 -2.20 15.37
CA ASP A 216 17.06 -2.39 15.26
C ASP A 216 16.59 -1.60 14.06
N MET A 217 16.26 -2.35 12.97
CA MET A 217 16.06 -1.81 11.63
C MET A 217 14.59 -1.45 11.38
N PHE A 218 13.83 -1.23 12.45
CA PHE A 218 12.50 -0.68 12.29
C PHE A 218 12.60 0.80 11.86
N CYS A 219 11.70 1.23 10.94
CA CYS A 219 11.64 2.61 10.48
C CYS A 219 12.86 3.11 9.70
N PRO A 220 13.46 2.30 8.77
CA PRO A 220 14.73 2.67 8.14
C PRO A 220 14.48 3.18 6.70
N GLY A 221 15.58 3.58 6.08
CA GLY A 221 15.67 3.68 4.62
C GLY A 221 16.18 2.33 4.09
N THR A 222 15.70 1.90 2.90
CA THR A 222 16.11 0.64 2.32
C THR A 222 16.31 0.80 0.81
N SER A 223 17.26 0.02 0.26
CA SER A 223 17.41 -0.03 -1.19
C SER A 223 18.26 -1.24 -1.53
N LEU A 224 18.15 -1.66 -2.78
CA LEU A 224 18.93 -2.80 -3.28
C LEU A 224 20.17 -2.33 -4.01
N LEU A 225 21.30 -2.98 -3.74
CA LEU A 225 22.57 -2.58 -4.34
C LEU A 225 22.84 -3.33 -5.64
N PRO A 226 23.80 -2.84 -6.46
CA PRO A 226 24.15 -3.51 -7.71
C PRO A 226 24.49 -4.98 -7.55
N ASP A 227 25.15 -5.32 -6.43
CA ASP A 227 25.63 -6.69 -6.27
C ASP A 227 24.56 -7.61 -5.67
N GLY A 228 23.36 -7.10 -5.43
CA GLY A 228 22.27 -7.91 -4.90
C GLY A 228 22.07 -7.77 -3.38
N ARG A 229 23.00 -7.12 -2.70
CA ARG A 229 22.79 -6.92 -1.26
C ARG A 229 21.66 -5.91 -1.02
N ILE A 230 21.08 -5.94 0.17
CA ILE A 230 20.11 -4.92 0.58
C ILE A 230 20.79 -4.04 1.63
N LEU A 231 20.80 -2.72 1.40
CA LEU A 231 21.36 -1.79 2.36
C LEU A 231 20.21 -1.16 3.14
N VAL A 232 20.28 -1.28 4.49
CA VAL A 232 19.27 -0.73 5.38
C VAL A 232 19.98 0.24 6.31
N SER A 233 19.49 1.47 6.39
CA SER A 233 20.13 2.43 7.29
C SER A 233 19.09 3.16 8.11
N GLY A 234 19.54 3.52 9.32
CA GLY A 234 18.72 4.33 10.20
C GLY A 234 17.59 3.54 10.84
N GLY A 235 16.63 4.30 11.35
CA GLY A 235 15.50 3.70 12.08
C GLY A 235 15.74 3.72 13.58
N SER A 236 15.32 2.67 14.27
CA SER A 236 15.37 2.72 15.72
C SER A 236 16.81 2.92 16.23
N ASN A 237 17.81 2.28 15.61
CA ASN A 237 19.21 2.66 15.83
C ASN A 237 19.57 3.62 14.69
N SER A 238 19.44 4.92 14.97
CA SER A 238 19.27 5.90 13.91
C SER A 238 20.51 6.11 13.04
N GLU A 239 21.70 5.77 13.53
CA GLU A 239 22.94 6.05 12.81
C GLU A 239 23.41 4.81 12.05
N LYS A 240 22.82 3.64 12.30
CA LYS A 240 23.40 2.40 11.85
C LYS A 240 23.10 2.09 10.39
N THR A 241 24.01 1.33 9.79
CA THR A 241 23.79 0.74 8.45
C THR A 241 24.06 -0.77 8.55
N SER A 242 23.20 -1.58 7.95
CA SER A 242 23.39 -3.03 7.90
C SER A 242 23.16 -3.47 6.46
N LEU A 243 23.85 -4.55 6.05
CA LEU A 243 23.79 -5.04 4.68
C LEU A 243 23.38 -6.50 4.68
N PHE A 244 22.29 -6.82 3.99
CA PHE A 244 21.88 -8.22 3.89
C PHE A 244 22.38 -8.88 2.62
N SER A 245 22.98 -10.08 2.76
N SER A 245 22.98 -10.08 2.76
CA SER A 245 23.44 -10.87 1.63
CA SER A 245 23.45 -10.85 1.63
C SER A 245 22.50 -12.05 1.38
C SER A 245 22.52 -12.04 1.37
N PRO A 246 21.71 -12.05 0.27
CA PRO A 246 20.81 -13.17 0.02
C PRO A 246 21.46 -14.53 -0.21
N ALA A 247 22.70 -14.52 -0.67
CA ALA A 247 23.40 -15.78 -0.90
C ALA A 247 23.68 -16.56 0.38
N THR A 248 23.90 -15.86 1.50
CA THR A 248 24.17 -16.58 2.74
C THR A 248 23.10 -16.32 3.79
N ASN A 249 22.10 -15.47 3.50
CA ASN A 249 21.06 -15.13 4.47
C ASN A 249 21.68 -14.57 5.75
N THR A 250 22.74 -13.75 5.58
CA THR A 250 23.38 -13.13 6.72
C THR A 250 23.42 -11.62 6.51
N TRP A 251 23.52 -10.89 7.64
CA TRP A 251 23.73 -9.46 7.67
C TRP A 251 25.15 -9.13 8.06
N ALA A 252 25.65 -8.02 7.55
CA ALA A 252 26.97 -7.53 7.91
C ALA A 252 26.86 -6.08 8.33
N PRO A 253 27.70 -5.61 9.25
CA PRO A 253 27.65 -4.21 9.64
C PRO A 253 28.17 -3.33 8.51
N GLY A 254 27.51 -2.19 8.31
CA GLY A 254 28.04 -1.16 7.43
C GLY A 254 28.49 0.01 8.30
N PRO A 255 28.91 1.10 7.65
CA PRO A 255 29.43 2.27 8.37
C PRO A 255 28.26 3.15 8.81
N ASP A 256 28.49 3.89 9.91
CA ASP A 256 27.45 4.78 10.41
C ASP A 256 27.20 5.92 9.42
N MET A 257 25.94 6.40 9.39
CA MET A 257 25.64 7.66 8.69
C MET A 257 26.22 8.83 9.49
N ASN A 258 26.36 9.98 8.84
CA ASN A 258 26.84 11.19 9.50
C ASN A 258 25.80 11.78 10.44
N VAL A 259 24.54 11.78 10.04
N VAL A 259 24.53 11.59 10.09
CA VAL A 259 23.49 12.13 10.97
CA VAL A 259 23.40 12.17 10.80
C VAL A 259 22.52 10.96 11.01
C VAL A 259 22.35 11.07 10.97
N GLY A 260 22.11 10.66 12.23
CA GLY A 260 21.11 9.62 12.49
C GLY A 260 19.73 10.07 11.97
N ARG A 261 18.96 9.11 11.51
CA ARG A 261 17.69 9.44 10.88
C ARG A 261 16.78 8.21 10.89
N GLY A 262 15.48 8.46 10.71
CA GLY A 262 14.51 7.39 10.60
C GLY A 262 13.31 7.91 9.85
N TYR A 263 12.63 7.00 9.14
CA TYR A 263 11.53 7.37 8.26
C TYR A 263 12.02 8.23 7.09
N GLN A 264 13.33 8.16 6.75
CA GLN A 264 13.90 8.81 5.59
C GLN A 264 13.66 7.94 4.36
N SER A 265 14.13 8.44 3.20
CA SER A 265 14.12 7.59 2.03
CA SER A 265 14.11 7.73 1.95
C SER A 265 15.55 7.47 1.54
N ASN A 266 15.87 6.22 1.16
CA ASN A 266 17.16 5.88 0.58
C ASN A 266 16.89 5.43 -0.86
N VAL A 267 17.83 5.80 -1.76
CA VAL A 267 17.66 5.40 -3.16
C VAL A 267 19.02 5.04 -3.77
N THR A 268 19.05 3.89 -4.46
CA THR A 268 20.27 3.50 -5.17
C THR A 268 20.37 4.35 -6.46
N THR A 269 21.56 4.93 -6.70
CA THR A 269 21.78 5.78 -7.86
C THR A 269 22.45 5.03 -9.01
N SER A 270 22.64 5.77 -10.10
CA SER A 270 23.20 5.23 -11.32
C SER A 270 24.60 4.65 -11.10
N THR A 271 25.35 5.15 -10.09
CA THR A 271 26.72 4.70 -9.83
C THR A 271 26.73 3.54 -8.83
N GLY A 272 25.57 3.13 -8.33
CA GLY A 272 25.51 2.10 -7.30
C GLY A 272 25.72 2.66 -5.90
N GLU A 273 25.89 3.98 -5.76
CA GLU A 273 25.83 4.63 -4.47
C GLU A 273 24.40 4.64 -3.94
N VAL A 274 24.23 4.97 -2.64
CA VAL A 274 22.90 5.14 -2.05
C VAL A 274 22.77 6.54 -1.47
N PHE A 275 21.82 7.30 -2.04
CA PHE A 275 21.54 8.64 -1.55
C PHE A 275 20.43 8.56 -0.50
N THR A 276 20.53 9.43 0.54
CA THR A 276 19.50 9.49 1.58
C THR A 276 19.17 10.94 1.88
N LEU A 277 17.92 11.16 2.26
CA LEU A 277 17.48 12.52 2.58
C LEU A 277 16.30 12.45 3.53
N GLY A 278 16.26 13.42 4.47
CA GLY A 278 15.15 13.51 5.40
C GLY A 278 15.25 12.50 6.55
N GLY A 279 14.12 12.33 7.26
CA GLY A 279 13.93 11.33 8.31
C GLY A 279 14.18 11.83 9.74
N SER A 280 13.22 12.59 10.26
CA SER A 280 13.27 13.09 11.64
C SER A 280 12.54 12.17 12.63
N TRP A 281 12.11 10.95 12.22
CA TRP A 281 11.46 10.07 13.19
C TRP A 281 12.41 9.66 14.32
N SER A 282 13.69 9.48 13.99
CA SER A 282 14.70 9.17 15.01
C SER A 282 15.96 9.98 14.70
N GLY A 283 16.90 9.99 15.68
CA GLY A 283 18.16 10.68 15.53
C GLY A 283 18.09 12.19 15.70
N GLY A 284 16.97 12.71 16.19
CA GLY A 284 16.91 14.15 16.33
C GLY A 284 15.96 14.78 15.32
N LEU A 285 15.45 15.98 15.65
CA LEU A 285 14.50 16.68 14.79
C LEU A 285 15.21 17.65 13.89
N GLY A 286 15.00 17.48 12.58
CA GLY A 286 15.44 18.48 11.61
C GLY A 286 16.89 18.33 11.19
N SER A 287 17.27 19.15 10.19
CA SER A 287 18.61 19.18 9.62
C SER A 287 19.02 17.83 9.00
N LYS A 288 18.06 17.08 8.46
CA LYS A 288 18.38 15.78 7.89
C LYS A 288 18.72 15.92 6.40
N HIS A 289 19.83 16.65 6.19
CA HIS A 289 20.34 16.97 4.87
C HIS A 289 20.85 15.73 4.14
N GLY A 290 21.22 15.91 2.88
CA GLY A 290 21.56 14.74 2.06
C GLY A 290 22.91 14.14 2.45
N GLU A 291 22.99 12.84 2.30
CA GLU A 291 24.27 12.13 2.37
C GLU A 291 24.25 11.02 1.33
N ILE A 292 25.44 10.49 1.01
CA ILE A 292 25.50 9.45 -0.01
C ILE A 292 26.56 8.43 0.39
N TRP A 293 26.19 7.17 0.25
CA TRP A 293 27.03 6.06 0.62
C TRP A 293 27.73 5.48 -0.63
N SER A 294 29.01 5.13 -0.45
CA SER A 294 29.70 4.28 -1.40
C SER A 294 30.33 3.10 -0.66
N SER A 295 30.54 1.99 -1.36
CA SER A 295 31.14 0.82 -0.74
CA SER A 295 31.14 0.82 -0.74
C SER A 295 32.56 1.13 -0.24
N THR A 296 33.30 1.98 -0.98
CA THR A 296 34.68 2.20 -0.59
C THR A 296 34.82 3.37 0.40
N GLY A 297 33.88 4.33 0.37
CA GLY A 297 34.05 5.55 1.13
C GLY A 297 33.10 5.67 2.32
N GLY A 298 32.09 4.80 2.43
CA GLY A 298 31.11 4.96 3.49
C GLY A 298 30.19 6.14 3.18
N TRP A 299 29.56 6.71 4.23
CA TRP A 299 28.62 7.80 4.05
C TRP A 299 29.37 9.13 4.05
N ARG A 300 29.07 9.96 3.06
CA ARG A 300 29.64 11.30 3.08
C ARG A 300 28.53 12.33 2.92
N PRO A 301 28.69 13.50 3.59
CA PRO A 301 27.67 14.54 3.49
C PRO A 301 27.65 15.16 2.11
N LEU A 302 26.47 15.67 1.73
CA LEU A 302 26.36 16.51 0.53
C LEU A 302 26.00 17.91 0.99
N PRO A 303 27.00 18.81 1.19
CA PRO A 303 26.72 20.12 1.78
C PRO A 303 25.69 20.95 1.00
N ASP A 304 25.55 20.73 -0.31
CA ASP A 304 24.66 21.53 -1.13
C ASP A 304 23.38 20.76 -1.45
N VAL A 305 23.04 19.77 -0.59
CA VAL A 305 21.73 19.15 -0.70
C VAL A 305 21.03 19.34 0.65
N PRO A 306 20.56 20.54 0.97
CA PRO A 306 19.78 20.73 2.21
C PRO A 306 18.41 20.07 2.07
N VAL A 307 17.83 19.74 3.22
CA VAL A 307 16.53 19.09 3.30
C VAL A 307 15.38 20.07 2.99
N ASP A 308 15.65 21.39 3.11
CA ASP A 308 14.58 22.37 3.27
C ASP A 308 13.48 22.26 2.22
N SER A 309 13.87 22.10 0.95
CA SER A 309 12.89 22.19 -0.12
C SER A 309 12.02 20.94 -0.28
N ILE A 310 12.27 19.86 0.50
CA ILE A 310 11.35 18.73 0.48
C ILE A 310 10.30 18.77 1.59
N LEU A 311 10.42 19.72 2.53
CA LEU A 311 9.56 19.63 3.70
C LEU A 311 8.11 19.85 3.28
N THR A 312 7.19 19.04 3.83
CA THR A 312 5.78 19.35 3.68
C THR A 312 5.33 20.39 4.73
N ASP A 313 4.05 20.76 4.68
CA ASP A 313 3.47 21.64 5.68
C ASP A 313 2.82 20.83 6.80
N ASP A 314 3.34 19.64 7.08
CA ASP A 314 2.72 18.75 8.05
C ASP A 314 2.42 19.51 9.34
N PRO A 315 1.19 19.41 9.92
CA PRO A 315 0.92 20.05 11.20
C PRO A 315 1.79 19.55 12.36
N GLY A 316 2.38 18.36 12.21
CA GLY A 316 3.25 17.75 13.19
C GLY A 316 4.66 18.30 13.16
N GLY A 317 4.93 19.20 12.20
CA GLY A 317 6.22 19.86 12.11
C GLY A 317 7.32 18.92 11.64
N GLU A 318 8.53 19.24 12.11
CA GLU A 318 9.72 18.64 11.56
C GLU A 318 9.74 17.12 11.74
N PHE A 319 9.17 16.65 12.85
CA PHE A 319 9.12 15.22 13.13
C PHE A 319 8.58 14.46 11.91
N ARG A 320 7.59 15.05 11.23
CA ARG A 320 6.89 14.38 10.11
C ARG A 320 7.29 14.91 8.74
N SER A 321 7.64 16.21 8.64
CA SER A 321 7.54 16.88 7.32
C SER A 321 8.65 16.42 6.35
N ASP A 322 9.74 15.82 6.86
CA ASP A 322 10.84 15.35 6.03
C ASP A 322 10.76 13.84 5.82
N ASN A 323 9.60 13.22 6.06
CA ASN A 323 9.54 11.77 6.05
C ASN A 323 9.15 11.25 4.67
N HIS A 324 9.62 10.02 4.38
CA HIS A 324 9.06 9.23 3.28
C HIS A 324 9.11 9.92 1.92
N ALA A 325 10.25 10.56 1.60
CA ALA A 325 10.35 11.24 0.30
C ALA A 325 10.15 10.27 -0.87
N TRP A 326 9.50 10.76 -1.93
CA TRP A 326 9.32 9.99 -3.16
C TRP A 326 10.55 10.25 -4.05
N LEU A 327 11.61 9.43 -3.87
CA LEU A 327 12.85 9.63 -4.60
C LEU A 327 13.04 8.60 -5.70
N PHE A 328 13.56 9.09 -6.83
CA PHE A 328 13.80 8.22 -8.00
C PHE A 328 15.14 8.53 -8.64
N SER A 329 15.91 7.49 -8.96
CA SER A 329 17.01 7.71 -9.90
C SER A 329 16.47 8.18 -11.27
N ALA A 330 17.16 9.16 -11.86
CA ALA A 330 16.75 9.76 -13.14
C ALA A 330 17.87 9.59 -14.17
N ALA A 331 17.42 9.59 -15.43
CA ALA A 331 18.35 9.59 -16.58
C ALA A 331 19.51 10.55 -16.33
N GLY A 332 20.75 10.08 -16.52
CA GLY A 332 21.92 10.93 -16.39
C GLY A 332 22.50 10.96 -14.99
N GLY A 333 21.79 10.37 -14.01
CA GLY A 333 22.38 10.14 -12.69
C GLY A 333 21.85 11.04 -11.57
N ARG A 334 20.99 12.03 -11.86
CA ARG A 334 20.37 12.82 -10.79
C ARG A 334 19.37 11.95 -10.06
N VAL A 335 18.84 12.52 -8.97
CA VAL A 335 17.71 11.94 -8.24
C VAL A 335 16.54 12.91 -8.40
N PHE A 336 15.36 12.42 -8.75
CA PHE A 336 14.17 13.25 -8.85
C PHE A 336 13.37 13.05 -7.55
N HIS A 337 13.01 14.18 -6.94
CA HIS A 337 12.14 14.18 -5.76
C HIS A 337 10.73 14.58 -6.20
N ALA A 338 9.79 13.64 -6.18
CA ALA A 338 8.47 13.83 -6.76
C ALA A 338 7.44 14.28 -5.73
N GLY A 339 7.79 14.27 -4.42
CA GLY A 339 6.83 14.52 -3.35
C GLY A 339 7.29 13.78 -2.11
N PRO A 340 6.48 13.70 -1.04
CA PRO A 340 5.05 14.08 -1.01
C PRO A 340 4.75 15.58 -0.97
N SER A 341 5.74 16.40 -0.65
CA SER A 341 5.51 17.85 -0.64
C SER A 341 4.95 18.31 -2.00
N ARG A 342 4.19 19.39 -2.00
CA ARG A 342 3.73 19.99 -3.26
C ARG A 342 4.93 20.32 -4.14
N GLU A 343 5.99 20.89 -3.56
CA GLU A 343 7.18 21.24 -4.31
C GLU A 343 7.99 19.99 -4.67
N MET A 344 8.41 19.85 -5.92
CA MET A 344 9.27 18.77 -6.39
C MET A 344 10.67 19.37 -6.65
N ASN A 345 11.67 18.48 -6.77
CA ASN A 345 13.04 18.96 -6.87
C ASN A 345 13.90 18.01 -7.69
N TRP A 346 14.93 18.59 -8.34
CA TRP A 346 16.01 17.82 -8.95
C TRP A 346 17.22 17.86 -8.03
N ILE A 347 17.80 16.68 -7.76
CA ILE A 347 18.93 16.61 -6.86
C ILE A 347 20.13 16.04 -7.65
N SER A 348 21.28 16.73 -7.60
CA SER A 348 22.54 16.15 -8.09
C SER A 348 23.32 15.63 -6.88
N THR A 349 23.99 14.49 -7.07
CA THR A 349 24.80 13.92 -6.01
C THR A 349 26.30 14.00 -6.32
N ALA A 350 26.68 14.60 -7.45
CA ALA A 350 28.10 14.76 -7.76
C ALA A 350 28.72 15.86 -6.91
N GLY A 351 29.94 15.66 -6.42
CA GLY A 351 30.63 16.70 -5.70
C GLY A 351 29.91 16.99 -4.39
N THR A 352 29.60 18.28 -4.16
CA THR A 352 28.85 18.65 -2.98
C THR A 352 27.33 18.55 -3.19
N GLY A 353 26.93 18.24 -4.44
CA GLY A 353 25.55 18.05 -4.81
C GLY A 353 24.86 19.37 -5.17
N SER A 354 23.57 19.30 -5.49
CA SER A 354 22.79 20.51 -5.75
C SER A 354 21.32 20.16 -5.61
N VAL A 355 20.50 21.20 -5.40
N VAL A 355 20.46 21.17 -5.38
CA VAL A 355 19.06 21.02 -5.40
CA VAL A 355 19.03 20.93 -5.44
C VAL A 355 18.47 22.15 -6.25
C VAL A 355 18.39 22.10 -6.15
N THR A 356 17.51 21.78 -7.12
CA THR A 356 16.89 22.78 -7.96
C THR A 356 15.38 22.51 -7.94
N SER A 357 14.57 23.58 -7.79
CA SER A 357 13.14 23.38 -7.86
C SER A 357 12.74 22.78 -9.22
N ALA A 358 11.84 21.79 -9.19
CA ALA A 358 11.19 21.24 -10.39
C ALA A 358 9.74 21.71 -10.52
N GLY A 359 9.37 22.74 -9.75
CA GLY A 359 8.01 23.24 -9.70
C GLY A 359 7.11 22.32 -8.89
N THR A 360 5.83 22.68 -8.78
CA THR A 360 4.93 21.89 -7.95
C THR A 360 4.38 20.71 -8.75
N ARG A 361 3.80 19.75 -8.03
CA ARG A 361 3.14 18.60 -8.62
C ARG A 361 1.74 19.05 -9.06
N ALA A 362 1.69 19.85 -10.13
CA ALA A 362 0.47 20.56 -10.55
C ALA A 362 -0.18 21.17 -9.28
N ASP A 363 -1.49 20.96 -9.11
CA ASP A 363 -2.21 21.54 -7.97
C ASP A 363 -2.40 20.51 -6.85
N SER A 364 -1.62 19.43 -6.81
CA SER A 364 -1.72 18.50 -5.70
C SER A 364 -1.46 19.21 -4.37
N ALA A 365 -2.20 18.80 -3.34
CA ALA A 365 -1.83 19.11 -1.96
C ALA A 365 -0.66 18.23 -1.52
N ASP A 366 -0.09 18.53 -0.36
CA ASP A 366 0.87 17.59 0.22
C ASP A 366 0.21 16.23 0.33
N ALA A 367 1.01 15.16 0.07
CA ALA A 367 0.45 13.80 -0.04
C ALA A 367 1.30 12.82 0.79
N MET A 368 1.51 13.12 2.08
CA MET A 368 2.32 12.27 2.95
C MET A 368 1.67 10.88 3.01
N ASN A 369 2.52 9.84 2.93
CA ASN A 369 2.09 8.44 2.95
C ASN A 369 1.29 8.06 1.72
N GLY A 370 1.38 8.90 0.66
CA GLY A 370 0.93 8.47 -0.67
C GLY A 370 2.00 7.64 -1.37
N ASN A 371 1.69 7.20 -2.59
CA ASN A 371 2.60 6.35 -3.33
C ASN A 371 3.04 7.04 -4.61
N ALA A 372 4.25 6.64 -5.06
CA ALA A 372 4.80 7.07 -6.35
C ALA A 372 5.46 5.85 -6.96
N VAL A 373 5.08 5.53 -8.22
CA VAL A 373 5.49 4.29 -8.88
C VAL A 373 5.96 4.60 -10.30
N MET A 374 7.15 4.08 -10.62
CA MET A 374 7.77 4.28 -11.93
CA MET A 374 7.72 4.29 -11.95
C MET A 374 7.37 3.11 -12.87
N TYR A 375 6.38 3.35 -13.73
CA TYR A 375 5.78 2.28 -14.51
C TYR A 375 6.30 2.21 -15.95
N ASP A 376 7.14 3.18 -16.33
CA ASP A 376 7.81 3.14 -17.63
C ASP A 376 9.05 4.02 -17.49
N VAL A 377 9.86 4.11 -18.56
CA VAL A 377 11.03 4.96 -18.52
C VAL A 377 10.60 6.42 -18.32
N GLY A 378 11.08 7.02 -17.22
CA GLY A 378 10.79 8.40 -16.90
C GLY A 378 9.31 8.70 -16.62
N LYS A 379 8.48 7.69 -16.32
CA LYS A 379 7.04 7.90 -16.15
C LYS A 379 6.63 7.40 -14.77
N ILE A 380 6.07 8.34 -13.99
CA ILE A 380 5.71 8.08 -12.59
C ILE A 380 4.21 8.27 -12.45
N LEU A 381 3.55 7.39 -11.71
CA LEU A 381 2.17 7.56 -11.24
C LEU A 381 2.24 7.85 -9.73
N THR A 382 1.55 8.89 -9.28
CA THR A 382 1.44 9.17 -7.86
C THR A 382 -0.04 9.13 -7.47
N MET A 383 -0.33 8.62 -6.24
CA MET A 383 -1.73 8.54 -5.87
C MET A 383 -1.86 8.50 -4.35
N GLY A 384 -2.99 9.01 -3.86
CA GLY A 384 -3.29 8.90 -2.44
C GLY A 384 -2.39 9.82 -1.60
N GLY A 385 -2.32 9.47 -0.31
CA GLY A 385 -1.66 10.33 0.67
C GLY A 385 -2.64 11.27 1.38
N ALA A 386 -2.11 12.02 2.35
CA ALA A 386 -2.93 13.01 3.03
C ALA A 386 -2.01 14.17 3.39
N PRO A 387 -2.55 15.37 3.62
CA PRO A 387 -1.68 16.51 3.92
C PRO A 387 -0.92 16.36 5.24
N GLY A 388 -1.50 15.61 6.18
CA GLY A 388 -0.84 15.33 7.44
C GLY A 388 -0.57 13.83 7.61
N TYR A 389 0.48 13.51 8.36
CA TYR A 389 0.78 12.12 8.69
C TYR A 389 -0.33 11.60 9.60
N ASP A 390 -0.78 12.46 10.53
CA ASP A 390 -1.64 12.06 11.65
C ASP A 390 -3.01 12.77 11.53
N ASN A 391 -4.10 12.01 11.76
CA ASN A 391 -5.42 12.60 11.95
C ASN A 391 -5.79 13.46 10.72
N SER A 392 -5.64 12.92 9.48
CA SER A 392 -5.77 13.72 8.28
C SER A 392 -6.58 12.94 7.24
N ASP A 393 -7.58 13.60 6.64
CA ASP A 393 -8.32 12.95 5.55
C ASP A 393 -7.44 12.71 4.33
N ALA A 394 -7.43 11.46 3.86
CA ALA A 394 -6.65 11.14 2.67
C ALA A 394 -7.40 11.58 1.40
N THR A 395 -6.62 11.62 0.32
CA THR A 395 -7.15 11.92 -1.00
C THR A 395 -7.28 10.67 -1.87
N ALA A 396 -8.22 10.76 -2.82
CA ALA A 396 -8.32 9.82 -3.94
C ALA A 396 -7.54 10.32 -5.16
N ARG A 397 -6.96 11.53 -5.09
CA ARG A 397 -6.36 12.11 -6.30
C ARG A 397 -5.09 11.35 -6.71
N ALA A 398 -4.84 11.40 -8.01
CA ALA A 398 -3.68 10.76 -8.62
C ALA A 398 -3.16 11.73 -9.66
N TYR A 399 -1.81 11.81 -9.79
CA TYR A 399 -1.15 12.66 -10.77
C TYR A 399 -0.03 11.88 -11.44
N THR A 400 0.07 12.01 -12.76
CA THR A 400 1.20 11.45 -13.49
C THR A 400 2.31 12.49 -13.56
N ILE A 401 3.56 12.03 -13.65
CA ILE A 401 4.73 12.87 -13.83
C ILE A 401 5.61 12.22 -14.90
N ASP A 402 5.89 12.98 -15.97
CA ASP A 402 6.81 12.54 -17.00
C ASP A 402 8.09 13.37 -16.84
N ILE A 403 9.23 12.69 -16.59
CA ILE A 403 10.50 13.36 -16.38
C ILE A 403 11.46 13.08 -17.54
N ASN A 404 10.93 12.67 -18.71
CA ASN A 404 11.82 12.36 -19.84
C ASN A 404 12.39 13.61 -20.49
N ASN A 405 11.61 14.67 -20.56
CA ASN A 405 12.17 15.82 -21.24
C ASN A 405 11.76 17.06 -20.48
N GLY A 406 12.33 17.25 -19.29
CA GLY A 406 11.73 18.24 -18.40
C GLY A 406 10.80 17.55 -17.41
N VAL A 407 9.77 18.28 -17.00
CA VAL A 407 8.86 17.77 -15.98
C VAL A 407 7.43 18.13 -16.41
N ASP A 408 6.61 17.12 -16.70
CA ASP A 408 5.25 17.38 -17.16
C ASP A 408 4.34 16.61 -16.20
N VAL A 409 3.53 17.38 -15.45
CA VAL A 409 2.63 16.80 -14.46
C VAL A 409 1.21 16.91 -14.98
N ALA A 410 0.38 15.88 -14.79
CA ALA A 410 -1.04 15.98 -15.13
C ALA A 410 -1.88 15.23 -14.11
N ARG A 411 -2.97 15.82 -13.66
CA ARG A 411 -3.92 15.04 -12.85
C ARG A 411 -4.50 13.93 -13.72
N THR A 412 -4.59 12.73 -13.18
CA THR A 412 -5.26 11.61 -13.84
C THR A 412 -6.52 11.24 -13.06
N SER A 413 -7.16 10.13 -13.40
CA SER A 413 -8.42 9.77 -12.74
C SER A 413 -8.23 9.59 -11.22
N ASP A 414 -9.26 10.00 -10.45
CA ASP A 414 -9.27 9.66 -9.03
C ASP A 414 -9.43 8.15 -8.84
N MET A 415 -8.82 7.64 -7.76
CA MET A 415 -9.17 6.31 -7.32
C MET A 415 -10.62 6.30 -6.85
N ALA A 416 -11.23 5.10 -6.80
CA ALA A 416 -12.60 4.96 -6.29
C ALA A 416 -12.71 5.30 -4.81
N VAL A 417 -11.60 5.13 -4.07
CA VAL A 417 -11.53 5.43 -2.64
C VAL A 417 -10.27 6.20 -2.30
N SER A 418 -10.40 7.13 -1.34
CA SER A 418 -9.23 7.82 -0.83
C SER A 418 -8.32 6.84 -0.06
N ARG A 419 -7.01 7.09 -0.05
CA ARG A 419 -6.11 6.20 0.71
C ARG A 419 -4.93 6.99 1.23
N SER A 420 -4.57 6.69 2.50
CA SER A 420 -3.25 6.96 3.04
C SER A 420 -2.73 5.66 3.66
N PHE A 421 -1.41 5.43 3.59
CA PHE A 421 -0.75 4.19 4.07
C PHE A 421 -0.94 3.01 3.11
N ALA A 422 -1.39 3.30 1.86
CA ALA A 422 -1.40 2.23 0.85
C ALA A 422 0.02 1.98 0.33
N ASN A 423 0.12 0.92 -0.48
CA ASN A 423 1.32 0.60 -1.24
C ASN A 423 1.04 0.53 -2.73
N GLY A 424 2.02 0.97 -3.52
CA GLY A 424 1.94 0.96 -5.00
C GLY A 424 2.85 -0.13 -5.54
N VAL A 425 2.36 -0.88 -6.56
CA VAL A 425 3.18 -1.95 -7.13
C VAL A 425 3.11 -1.83 -8.66
N ALA A 426 4.26 -1.67 -9.29
CA ALA A 426 4.34 -1.69 -10.76
C ALA A 426 4.22 -3.15 -11.23
N LEU A 427 3.31 -3.43 -12.16
CA LEU A 427 3.21 -4.76 -12.74
C LEU A 427 3.87 -4.79 -14.10
N PRO A 428 4.29 -5.98 -14.61
CA PRO A 428 5.07 -6.02 -15.87
C PRO A 428 4.29 -5.65 -17.12
N ASP A 429 2.95 -5.61 -17.04
CA ASP A 429 2.17 -5.15 -18.20
C ASP A 429 2.04 -3.64 -18.26
N GLY A 430 2.68 -2.91 -17.33
CA GLY A 430 2.65 -1.46 -17.32
C GLY A 430 1.54 -0.91 -16.41
N GLN A 431 0.65 -1.76 -15.92
CA GLN A 431 -0.37 -1.28 -15.00
C GLN A 431 0.24 -1.10 -13.61
N VAL A 432 -0.41 -0.24 -12.81
CA VAL A 432 0.05 0.01 -11.43
C VAL A 432 -1.06 -0.34 -10.46
N LEU A 433 -0.74 -1.23 -9.53
CA LEU A 433 -1.70 -1.65 -8.50
C LEU A 433 -1.52 -0.78 -7.26
N VAL A 434 -2.64 -0.31 -6.70
CA VAL A 434 -2.59 0.32 -5.37
C VAL A 434 -3.35 -0.60 -4.41
N VAL A 435 -2.73 -0.83 -3.22
CA VAL A 435 -3.37 -1.77 -2.31
CA VAL A 435 -3.18 -1.85 -2.27
C VAL A 435 -3.32 -1.22 -0.89
N GLY A 436 -4.44 -1.45 -0.20
CA GLY A 436 -4.54 -1.08 1.21
C GLY A 436 -4.71 0.42 1.45
N GLY A 437 -4.21 0.88 2.60
CA GLY A 437 -4.44 2.21 3.09
C GLY A 437 -5.81 2.35 3.76
N GLN A 438 -6.08 3.57 4.23
CA GLN A 438 -7.37 3.87 4.87
C GLN A 438 -7.81 5.29 4.52
N ALA A 439 -9.10 5.56 4.80
CA ALA A 439 -9.71 6.84 4.42
C ALA A 439 -9.15 8.02 5.22
N HIS A 440 -9.00 7.84 6.55
CA HIS A 440 -8.58 8.92 7.43
C HIS A 440 -7.30 8.41 8.12
N ALA A 441 -6.17 9.07 7.83
CA ALA A 441 -4.87 8.59 8.32
C ALA A 441 -4.73 8.73 9.83
N VAL A 442 -4.75 7.58 10.52
CA VAL A 442 -4.46 7.55 11.96
C VAL A 442 -3.59 6.31 12.17
N PRO A 443 -2.26 6.47 12.32
CA PRO A 443 -1.39 5.32 12.57
C PRO A 443 -1.97 4.37 13.61
N PHE A 444 -1.82 3.06 13.33
CA PHE A 444 -2.16 1.96 14.25
C PHE A 444 -3.66 1.67 14.30
N THR A 445 -4.44 2.23 13.35
CA THR A 445 -5.87 1.94 13.30
C THR A 445 -6.18 1.19 12.00
N ASP A 446 -7.27 0.39 12.04
CA ASP A 446 -7.80 -0.26 10.84
C ASP A 446 -9.10 0.39 10.36
N THR A 447 -9.56 1.43 11.07
CA THR A 447 -10.76 2.16 10.73
C THR A 447 -10.70 2.65 9.28
N GLY A 448 -11.80 2.45 8.53
CA GLY A 448 -11.84 2.96 7.16
C GLY A 448 -10.79 2.33 6.24
N ALA A 449 -10.27 1.13 6.59
CA ALA A 449 -9.35 0.42 5.69
C ALA A 449 -9.97 0.27 4.31
N ARG A 450 -9.13 0.39 3.26
CA ARG A 450 -9.61 0.18 1.90
C ARG A 450 -9.30 -1.27 1.52
N MET A 451 -10.34 -2.05 1.31
CA MET A 451 -10.17 -3.51 1.17
C MET A 451 -9.97 -3.94 -0.29
N ALA A 452 -10.46 -3.16 -1.27
CA ALA A 452 -10.31 -3.51 -2.69
C ALA A 452 -9.14 -2.76 -3.28
N PRO A 453 -8.07 -3.43 -3.73
CA PRO A 453 -7.03 -2.74 -4.52
C PRO A 453 -7.63 -2.20 -5.83
N GLU A 454 -6.90 -1.28 -6.44
CA GLU A 454 -7.31 -0.78 -7.76
C GLU A 454 -6.10 -0.82 -8.69
N LEU A 455 -6.41 -0.99 -9.99
CA LEU A 455 -5.35 -1.12 -11.00
C LEU A 455 -5.53 0.04 -11.99
N TRP A 456 -4.46 0.81 -12.16
CA TRP A 456 -4.47 1.91 -13.12
C TRP A 456 -3.75 1.47 -14.40
N ASN A 457 -4.43 1.70 -15.52
CA ASN A 457 -3.89 1.32 -16.81
C ASN A 457 -3.45 2.58 -17.54
N PRO A 458 -2.15 2.77 -17.91
CA PRO A 458 -1.76 4.01 -18.59
C PRO A 458 -2.46 4.20 -19.95
N ALA A 459 -2.94 3.13 -20.58
CA ALA A 459 -3.53 3.28 -21.92
C ALA A 459 -4.90 3.95 -21.84
N THR A 460 -5.59 3.81 -20.71
CA THR A 460 -6.92 4.40 -20.51
C THR A 460 -6.94 5.49 -19.45
N GLU A 461 -5.95 5.46 -18.54
CA GLU A 461 -5.88 6.31 -17.36
C GLU A 461 -7.05 6.08 -16.42
N GLU A 462 -7.65 4.90 -16.46
CA GLU A 462 -8.72 4.52 -15.55
C GLU A 462 -8.22 3.56 -14.48
N TRP A 463 -8.87 3.65 -13.31
CA TRP A 463 -8.68 2.70 -12.20
C TRP A 463 -9.79 1.66 -12.21
N THR A 464 -9.41 0.38 -12.19
CA THR A 464 -10.37 -0.71 -12.08
C THR A 464 -10.26 -1.33 -10.68
N ALA A 465 -11.38 -1.57 -10.01
CA ALA A 465 -11.36 -2.21 -8.70
C ALA A 465 -11.11 -3.71 -8.85
N MET A 466 -10.21 -4.20 -7.99
CA MET A 466 -9.91 -5.62 -7.87
C MET A 466 -10.79 -6.28 -6.80
N ALA A 467 -10.87 -7.61 -6.83
CA ALA A 467 -11.52 -8.34 -5.74
C ALA A 467 -10.88 -7.94 -4.42
N PRO A 468 -11.70 -7.82 -3.35
CA PRO A 468 -11.16 -7.40 -2.07
C PRO A 468 -10.35 -8.47 -1.33
N MET A 469 -9.34 -7.98 -0.60
CA MET A 469 -8.55 -8.84 0.26
C MET A 469 -9.31 -9.05 1.57
N ALA A 470 -8.82 -9.99 2.42
CA ALA A 470 -9.52 -10.30 3.66
C ALA A 470 -9.08 -9.42 4.83
N VAL A 471 -7.78 -9.07 4.90
CA VAL A 471 -7.22 -8.45 6.11
C VAL A 471 -6.92 -6.99 5.79
N PRO A 472 -7.29 -6.03 6.67
CA PRO A 472 -6.97 -4.63 6.41
C PRO A 472 -5.46 -4.39 6.45
N ARG A 473 -4.96 -3.48 5.59
CA ARG A 473 -3.54 -3.22 5.44
C ARG A 473 -3.29 -1.72 5.48
N THR A 474 -3.02 -1.21 6.68
CA THR A 474 -2.96 0.23 6.90
C THR A 474 -1.53 0.59 7.32
N TYR A 475 -1.34 1.45 8.30
CA TYR A 475 0.00 1.81 8.71
C TYR A 475 0.81 0.53 9.04
N HIS A 476 2.06 0.49 8.57
CA HIS A 476 2.99 -0.62 8.81
C HIS A 476 2.65 -1.87 8.00
N SER A 477 1.86 -1.71 6.93
CA SER A 477 1.72 -2.75 5.92
C SER A 477 2.69 -2.53 4.75
N VAL A 478 2.85 -3.61 3.97
CA VAL A 478 3.72 -3.59 2.78
C VAL A 478 3.01 -4.29 1.63
N ALA A 479 3.48 -4.00 0.39
CA ALA A 479 3.12 -4.83 -0.75
C ALA A 479 4.25 -4.70 -1.78
N LEU A 480 4.44 -5.79 -2.55
CA LEU A 480 5.48 -5.79 -3.59
C LEU A 480 5.23 -6.91 -4.57
N LEU A 481 5.74 -6.66 -5.78
CA LEU A 481 5.72 -7.64 -6.87
C LEU A 481 6.63 -8.87 -6.60
N LEU A 482 6.11 -10.04 -6.97
CA LEU A 482 6.84 -11.29 -6.91
C LEU A 482 7.26 -11.76 -8.31
N ALA A 483 8.20 -12.69 -8.37
CA ALA A 483 8.79 -13.09 -9.64
C ALA A 483 7.79 -13.89 -10.48
N ASP A 484 6.72 -14.40 -9.91
CA ASP A 484 5.68 -15.06 -10.69
C ASP A 484 4.60 -14.08 -11.11
N GLY A 485 4.80 -12.80 -10.87
CA GLY A 485 3.80 -11.85 -11.34
C GLY A 485 2.65 -11.61 -10.36
N ARG A 486 2.65 -12.37 -9.25
N ARG A 486 2.63 -12.40 -9.26
CA ARG A 486 1.69 -12.11 -8.19
CA ARG A 486 1.71 -12.19 -8.14
C ARG A 486 2.24 -11.01 -7.29
C ARG A 486 2.22 -11.03 -7.30
N VAL A 487 1.41 -10.64 -6.30
CA VAL A 487 1.77 -9.51 -5.42
C VAL A 487 1.58 -9.94 -3.95
N PHE A 488 2.66 -9.82 -3.17
CA PHE A 488 2.55 -10.09 -1.74
C PHE A 488 2.06 -8.82 -1.04
N VAL A 489 1.11 -8.98 -0.12
CA VAL A 489 0.62 -7.87 0.71
C VAL A 489 0.66 -8.38 2.15
N GLY A 490 1.13 -7.56 3.10
CA GLY A 490 1.19 -8.10 4.46
C GLY A 490 1.42 -7.01 5.49
N GLY A 491 1.42 -7.45 6.75
CA GLY A 491 1.70 -6.51 7.83
C GLY A 491 0.52 -5.62 8.21
N GLY A 492 0.88 -4.54 8.93
CA GLY A 492 -0.11 -3.66 9.53
C GLY A 492 -0.09 -3.77 11.07
N GLY A 493 -0.04 -2.61 11.72
CA GLY A 493 -0.11 -2.55 13.19
C GLY A 493 1.29 -2.30 13.76
N LEU A 494 1.86 -3.33 14.40
CA LEU A 494 3.10 -3.24 15.18
C LEU A 494 2.94 -2.29 16.37
N CYS A 495 1.88 -2.57 17.13
CA CYS A 495 1.55 -1.68 18.24
C CYS A 495 1.34 -2.46 19.54
N GLY A 496 2.04 -3.57 19.70
CA GLY A 496 2.14 -4.22 21.00
C GLY A 496 0.81 -4.83 21.46
N THR A 497 0.26 -4.32 22.58
CA THR A 497 -0.99 -4.85 23.11
C THR A 497 -2.21 -4.31 22.35
N CYS A 498 -2.00 -3.50 21.32
CA CYS A 498 -3.09 -3.06 20.47
C CYS A 498 -3.78 -4.27 19.85
N THR A 499 -4.98 -4.05 19.31
CA THR A 499 -5.74 -5.15 18.73
C THR A 499 -5.62 -5.20 17.21
N THR A 500 -4.72 -4.39 16.62
CA THR A 500 -4.72 -4.20 15.18
C THR A 500 -3.40 -4.72 14.58
N ASN A 501 -2.69 -5.65 15.24
CA ASN A 501 -1.52 -6.23 14.60
C ASN A 501 -1.94 -7.33 13.62
N HIS A 502 -1.19 -7.43 12.50
CA HIS A 502 -1.48 -8.47 11.51
C HIS A 502 -0.16 -9.20 11.22
N LEU A 503 -0.02 -10.35 11.87
CA LEU A 503 1.18 -11.18 11.72
C LEU A 503 0.94 -12.15 10.56
N ASP A 504 0.72 -11.55 9.37
CA ASP A 504 0.31 -12.39 8.23
C ASP A 504 0.47 -11.57 6.95
N GLY A 505 0.27 -12.32 5.86
CA GLY A 505 0.19 -11.68 4.54
C GLY A 505 -0.86 -12.41 3.71
N GLU A 506 -1.12 -11.87 2.50
CA GLU A 506 -1.98 -12.52 1.53
C GLU A 506 -1.33 -12.28 0.16
N ILE A 507 -1.45 -13.25 -0.74
CA ILE A 507 -0.90 -13.09 -2.09
C ILE A 507 -2.03 -12.88 -3.07
N PHE A 508 -1.94 -11.78 -3.82
CA PHE A 508 -2.92 -11.48 -4.87
C PHE A 508 -2.43 -11.98 -6.22
N THR A 509 -3.34 -12.70 -6.90
CA THR A 509 -3.06 -13.06 -8.30
C THR A 509 -3.81 -12.05 -9.18
N PRO A 510 -3.10 -11.13 -9.87
CA PRO A 510 -3.80 -10.14 -10.66
C PRO A 510 -4.50 -10.77 -11.87
N PRO A 511 -5.48 -10.01 -12.42
CA PRO A 511 -6.31 -10.52 -13.51
C PRO A 511 -5.53 -11.08 -14.70
N TYR A 512 -4.34 -10.51 -14.98
CA TYR A 512 -3.60 -10.96 -16.17
C TYR A 512 -3.17 -12.43 -16.08
N LEU A 513 -3.26 -13.08 -14.90
CA LEU A 513 -2.84 -14.49 -14.73
C LEU A 513 -4.02 -15.45 -14.67
N LEU A 514 -5.25 -14.97 -14.85
CA LEU A 514 -6.44 -15.79 -14.66
C LEU A 514 -7.26 -15.91 -15.94
N ASN A 515 -7.81 -17.11 -16.11
CA ASN A 515 -8.90 -17.28 -17.08
C ASN A 515 -10.15 -16.58 -16.54
N ALA A 516 -11.17 -16.39 -17.40
CA ALA A 516 -12.40 -15.75 -16.96
C ALA A 516 -12.95 -16.44 -15.71
N ASP A 517 -12.85 -17.79 -15.63
CA ASP A 517 -13.49 -18.54 -14.56
C ASP A 517 -12.65 -18.54 -13.28
N GLY A 518 -11.50 -17.86 -13.25
CA GLY A 518 -10.63 -17.78 -12.08
C GLY A 518 -9.56 -18.87 -12.01
N SER A 519 -9.57 -19.82 -12.95
CA SER A 519 -8.47 -20.78 -13.01
C SER A 519 -7.22 -20.13 -13.58
N ALA A 520 -6.05 -20.74 -13.35
CA ALA A 520 -4.80 -20.18 -13.85
C ALA A 520 -4.74 -20.22 -15.38
N ARG A 521 -4.40 -19.07 -15.97
CA ARG A 521 -4.27 -18.97 -17.41
C ARG A 521 -2.95 -19.58 -17.88
N THR A 522 -2.95 -20.23 -19.05
CA THR A 522 -1.69 -20.69 -19.62
C THR A 522 -0.76 -19.49 -19.87
N ARG A 523 0.51 -19.63 -19.49
CA ARG A 523 1.39 -18.49 -19.64
C ARG A 523 2.61 -18.81 -20.50
N PRO A 524 3.27 -17.77 -21.04
CA PRO A 524 4.49 -18.00 -21.79
C PRO A 524 5.62 -18.39 -20.83
N THR A 525 6.71 -18.93 -21.41
CA THR A 525 7.85 -19.37 -20.62
C THR A 525 9.12 -18.74 -21.17
N ILE A 526 10.07 -18.49 -20.26
CA ILE A 526 11.44 -18.20 -20.64
C ILE A 526 12.24 -19.49 -20.50
N VAL A 527 12.79 -19.95 -21.62
CA VAL A 527 13.62 -21.15 -21.69
C VAL A 527 15.07 -20.80 -21.35
N ASP A 528 15.56 -19.63 -21.81
CA ASP A 528 16.96 -19.30 -21.56
C ASP A 528 17.10 -17.79 -21.55
N ALA A 529 17.84 -17.27 -20.57
CA ALA A 529 18.16 -15.87 -20.53
C ALA A 529 19.43 -15.77 -19.72
N PRO A 530 20.28 -14.75 -19.94
CA PRO A 530 21.53 -14.66 -19.16
C PRO A 530 21.24 -14.27 -17.71
N ALA A 531 22.08 -14.78 -16.80
CA ALA A 531 21.92 -14.50 -15.36
C ALA A 531 22.44 -13.12 -15.01
N THR A 532 23.33 -12.56 -15.86
CA THR A 532 23.90 -11.24 -15.65
C THR A 532 23.96 -10.51 -16.99
N ALA A 533 23.98 -9.18 -16.93
CA ALA A 533 24.22 -8.40 -18.13
C ALA A 533 24.65 -7.00 -17.72
N THR A 534 25.11 -6.23 -18.70
N THR A 534 25.28 -6.25 -18.65
CA THR A 534 25.59 -4.89 -18.43
CA THR A 534 25.64 -4.86 -18.39
C THR A 534 24.75 -3.88 -19.22
C THR A 534 24.73 -3.92 -19.18
N ALA A 535 24.42 -2.76 -18.56
CA ALA A 535 23.71 -1.69 -19.24
C ALA A 535 24.36 -1.42 -20.60
N GLY A 536 23.49 -1.20 -21.62
CA GLY A 536 23.94 -0.84 -22.95
C GLY A 536 24.19 -2.05 -23.87
N SER A 537 24.20 -3.27 -23.32
N SER A 537 24.23 -3.26 -23.32
CA SER A 537 24.43 -4.49 -24.07
CA SER A 537 24.50 -4.46 -24.12
C SER A 537 23.17 -4.99 -24.74
C SER A 537 23.21 -5.02 -24.71
N LYS A 538 23.38 -5.84 -25.75
CA LYS A 538 22.28 -6.64 -26.27
C LYS A 538 22.34 -8.00 -25.59
N ILE A 539 21.17 -8.56 -25.29
CA ILE A 539 21.10 -9.93 -24.80
C ILE A 539 20.16 -10.76 -25.68
N SER A 540 20.36 -12.08 -25.69
CA SER A 540 19.51 -12.97 -26.46
C SER A 540 18.71 -13.85 -25.49
N VAL A 541 17.38 -13.86 -25.67
N VAL A 541 17.39 -13.86 -25.68
CA VAL A 541 16.45 -14.56 -24.80
CA VAL A 541 16.53 -14.63 -24.80
C VAL A 541 15.62 -15.56 -25.61
C VAL A 541 15.81 -15.64 -25.68
N THR A 542 15.49 -16.78 -25.09
CA THR A 542 14.74 -17.83 -25.75
C THR A 542 13.49 -18.10 -24.94
N THR A 543 12.33 -18.13 -25.60
CA THR A 543 11.03 -18.35 -24.94
C THR A 543 10.35 -19.59 -25.50
N GLY A 544 9.23 -20.05 -24.92
CA GLY A 544 8.59 -21.22 -25.48
C GLY A 544 7.61 -20.93 -26.61
N SER A 545 7.42 -19.65 -26.93
CA SER A 545 6.54 -19.22 -28.02
C SER A 545 7.08 -17.86 -28.48
N LYS A 546 6.58 -17.31 -29.59
CA LYS A 546 7.15 -16.07 -30.10
C LYS A 546 6.70 -14.90 -29.22
N ILE A 547 7.68 -14.19 -28.67
CA ILE A 547 7.40 -13.08 -27.78
C ILE A 547 8.09 -11.85 -28.34
N SER A 548 7.40 -10.70 -28.42
N SER A 548 7.31 -10.75 -28.39
CA SER A 548 8.20 -9.55 -28.82
CA SER A 548 7.72 -9.50 -28.97
C SER A 548 8.34 -8.56 -27.67
C SER A 548 7.96 -8.43 -27.89
N LYS A 549 7.48 -8.68 -26.64
CA LYS A 549 7.52 -7.69 -25.58
C LYS A 549 8.05 -8.35 -24.30
N PHE A 550 9.02 -7.66 -23.69
CA PHE A 550 9.56 -8.09 -22.42
C PHE A 550 9.52 -6.92 -21.46
N SER A 551 9.49 -7.19 -20.16
CA SER A 551 9.57 -6.12 -19.18
C SER A 551 10.67 -6.47 -18.19
N LEU A 552 11.59 -5.53 -17.98
CA LEU A 552 12.53 -5.62 -16.86
C LEU A 552 11.93 -4.90 -15.66
N MET A 553 11.73 -5.66 -14.59
CA MET A 553 11.11 -5.11 -13.39
C MET A 553 12.16 -5.13 -12.28
N ARG A 554 12.62 -3.98 -11.83
CA ARG A 554 13.65 -4.02 -10.80
C ARG A 554 13.07 -4.59 -9.52
N MET A 555 13.81 -5.43 -8.80
CA MET A 555 13.30 -6.02 -7.56
C MET A 555 13.21 -4.94 -6.48
N SER A 556 12.35 -5.17 -5.48
CA SER A 556 11.93 -4.13 -4.53
C SER A 556 12.37 -4.42 -3.09
N SER A 557 12.56 -3.32 -2.37
CA SER A 557 12.43 -3.31 -0.90
C SER A 557 11.39 -2.21 -0.57
N VAL A 558 10.64 -2.41 0.53
CA VAL A 558 9.50 -1.53 0.80
C VAL A 558 9.26 -1.50 2.31
N THR A 559 8.95 -0.29 2.80
CA THR A 559 8.48 -0.11 4.16
C THR A 559 7.87 1.29 4.27
N HIS A 560 6.81 1.41 5.12
CA HIS A 560 6.25 2.73 5.42
C HIS A 560 5.84 3.48 4.15
N THR A 561 5.31 2.75 3.15
CA THR A 561 4.82 3.28 1.85
C THR A 561 5.95 3.55 0.84
N VAL A 562 7.21 3.49 1.27
CA VAL A 562 8.35 3.89 0.44
C VAL A 562 8.93 2.67 -0.30
N ASN A 563 9.06 2.82 -1.62
CA ASN A 563 9.75 1.81 -2.43
C ASN A 563 10.46 2.59 -3.52
N THR A 564 11.74 2.88 -3.30
CA THR A 564 12.49 3.61 -4.30
C THR A 564 13.12 2.68 -5.34
N ASP A 565 13.00 1.34 -5.13
CA ASP A 565 13.71 0.39 -5.97
C ASP A 565 12.95 -0.03 -7.22
N GLN A 566 11.64 -0.22 -7.14
CA GLN A 566 10.91 -0.81 -8.26
C GLN A 566 10.88 0.17 -9.43
N ARG A 567 10.92 -0.42 -10.63
CA ARG A 567 10.72 0.37 -11.84
C ARG A 567 10.56 -0.61 -12.99
N ARG A 568 9.73 -0.24 -13.97
CA ARG A 568 9.54 -1.05 -15.17
C ARG A 568 10.26 -0.40 -16.37
N ILE A 569 11.05 -1.22 -17.07
CA ILE A 569 11.66 -0.85 -18.36
C ILE A 569 11.13 -1.84 -19.38
N PRO A 570 10.19 -1.43 -20.25
CA PRO A 570 9.69 -2.37 -21.24
C PRO A 570 10.61 -2.36 -22.45
N LEU A 571 10.80 -3.52 -23.05
CA LEU A 571 11.68 -3.59 -24.20
C LEU A 571 11.00 -4.40 -25.30
N THR A 572 11.22 -3.93 -26.54
CA THR A 572 10.72 -4.66 -27.71
C THR A 572 11.82 -5.56 -28.24
N ALA A 573 11.47 -6.81 -28.50
CA ALA A 573 12.48 -7.74 -28.97
C ALA A 573 12.53 -7.77 -30.51
N THR A 574 13.70 -8.13 -31.03
CA THR A 574 13.89 -8.40 -32.45
C THR A 574 14.06 -9.91 -32.61
N GLY A 575 13.14 -10.55 -33.35
CA GLY A 575 13.24 -11.99 -33.53
C GLY A 575 14.50 -12.36 -34.33
N THR A 576 15.11 -13.50 -33.95
CA THR A 576 16.27 -14.02 -34.64
C THR A 576 15.99 -15.45 -35.13
N TYR A 577 17.05 -16.29 -35.29
CA TYR A 577 16.91 -17.46 -36.15
C TYR A 577 16.37 -18.72 -35.47
N GLY A 578 16.50 -18.79 -34.13
CA GLY A 578 16.24 -20.02 -33.41
C GLY A 578 14.79 -20.18 -33.01
N ASN A 579 14.60 -21.11 -32.06
CA ASN A 579 13.30 -21.56 -31.62
C ASN A 579 12.79 -20.52 -30.64
N ASN A 580 12.18 -19.44 -31.16
CA ASN A 580 11.68 -18.33 -30.33
C ASN A 580 12.87 -17.67 -29.64
N THR A 581 13.88 -17.32 -30.40
CA THR A 581 15.00 -16.52 -29.93
C THR A 581 14.77 -15.06 -30.30
N ALA A 582 15.20 -14.14 -29.43
CA ALA A 582 15.02 -12.73 -29.71
C ALA A 582 16.10 -11.92 -29.01
N THR A 583 16.42 -10.76 -29.57
CA THR A 583 17.43 -9.90 -29.01
C THR A 583 16.76 -8.69 -28.38
N LEU A 584 17.24 -8.36 -27.18
N LEU A 584 17.19 -8.40 -27.15
CA LEU A 584 16.76 -7.19 -26.43
CA LEU A 584 16.77 -7.19 -26.42
C LEU A 584 17.95 -6.25 -26.24
C LEU A 584 17.97 -6.26 -26.36
N THR A 585 17.73 -4.95 -26.41
CA THR A 585 18.79 -3.97 -26.25
C THR A 585 18.59 -3.26 -24.92
N LEU A 586 19.53 -3.45 -23.98
CA LEU A 586 19.39 -2.82 -22.65
C LEU A 586 19.81 -1.35 -22.76
N PRO A 587 19.05 -0.41 -22.17
CA PRO A 587 19.47 0.99 -22.13
C PRO A 587 20.87 1.15 -21.56
N ALA A 588 21.65 2.08 -22.12
CA ALA A 588 22.97 2.37 -21.58
C ALA A 588 22.88 3.28 -20.35
N ASP A 589 21.81 4.08 -20.23
CA ASP A 589 21.71 5.08 -19.18
C ASP A 589 21.37 4.43 -17.84
N ARG A 590 22.37 4.33 -16.95
CA ARG A 590 22.18 3.67 -15.65
C ARG A 590 21.33 4.50 -14.69
N GLY A 591 21.02 5.78 -15.02
CA GLY A 591 20.03 6.51 -14.25
C GLY A 591 18.62 5.97 -14.47
N VAL A 592 18.39 5.37 -15.65
CA VAL A 592 17.15 4.67 -15.98
C VAL A 592 17.30 3.20 -15.56
N LEU A 593 18.29 2.51 -16.11
CA LEU A 593 18.51 1.10 -15.75
C LEU A 593 19.46 1.03 -14.56
N VAL A 594 18.87 1.31 -13.39
CA VAL A 594 19.67 1.38 -12.17
C VAL A 594 20.24 0.00 -11.89
N PRO A 595 21.57 -0.15 -11.73
N PRO A 595 21.55 -0.11 -11.57
CA PRO A 595 22.13 -1.48 -11.49
CA PRO A 595 22.13 -1.43 -11.38
C PRO A 595 21.52 -2.18 -10.28
C PRO A 595 21.46 -2.19 -10.25
N GLY A 596 21.36 -3.51 -10.40
CA GLY A 596 20.77 -4.33 -9.34
C GLY A 596 20.07 -5.54 -9.95
N ALA A 597 19.36 -6.28 -9.10
CA ALA A 597 18.62 -7.45 -9.47
C ALA A 597 17.29 -7.05 -10.14
N TYR A 598 17.05 -7.64 -11.31
CA TYR A 598 15.82 -7.43 -12.05
C TYR A 598 15.12 -8.76 -12.31
N MET A 599 13.79 -8.69 -12.39
CA MET A 599 12.97 -9.78 -12.91
C MET A 599 12.71 -9.52 -14.39
N LEU A 600 13.07 -10.48 -15.23
CA LEU A 600 12.80 -10.35 -16.66
C LEU A 600 11.53 -11.15 -16.97
N PHE A 601 10.48 -10.45 -17.41
CA PHE A 601 9.21 -11.10 -17.75
C PHE A 601 9.01 -11.08 -19.26
N ALA A 602 8.65 -12.24 -19.83
CA ALA A 602 8.17 -12.29 -21.21
C ALA A 602 6.68 -12.02 -21.20
N MET A 603 6.19 -11.11 -22.07
CA MET A 603 4.78 -10.72 -22.10
C MET A 603 4.18 -11.20 -23.42
N ASP A 604 3.20 -12.10 -23.38
CA ASP A 604 2.61 -12.59 -24.62
C ASP A 604 1.69 -11.52 -25.23
N GLY A 605 1.14 -11.82 -26.40
CA GLY A 605 0.32 -10.84 -27.07
C GLY A 605 -1.01 -10.58 -26.36
N ASN A 606 -1.38 -11.47 -25.44
CA ASN A 606 -2.58 -11.31 -24.59
C ASN A 606 -2.29 -10.54 -23.30
N GLY A 607 -1.05 -10.05 -23.13
CA GLY A 607 -0.68 -9.41 -21.86
C GLY A 607 -0.41 -10.34 -20.68
N VAL A 608 -0.19 -11.64 -20.97
CA VAL A 608 0.05 -12.61 -19.90
C VAL A 608 1.55 -12.68 -19.64
N PRO A 609 2.01 -12.52 -18.37
CA PRO A 609 3.45 -12.59 -18.12
C PRO A 609 3.90 -14.04 -17.88
N SER A 610 5.11 -14.33 -18.32
CA SER A 610 5.81 -15.54 -17.87
C SER A 610 6.12 -15.44 -16.38
N VAL A 611 6.54 -16.57 -15.77
CA VAL A 611 7.34 -16.42 -14.55
C VAL A 611 8.66 -15.74 -14.96
N ALA A 612 9.14 -14.78 -14.13
CA ALA A 612 10.34 -14.05 -14.50
C ALA A 612 11.58 -14.89 -14.24
N THR A 613 12.66 -14.57 -14.95
CA THR A 613 13.99 -15.02 -14.55
C THR A 613 14.65 -13.86 -13.82
N THR A 614 15.67 -14.16 -13.02
CA THR A 614 16.43 -13.09 -12.36
C THR A 614 17.63 -12.73 -13.22
N ILE A 615 17.84 -11.43 -13.45
CA ILE A 615 19.03 -11.00 -14.15
C ILE A 615 19.68 -9.88 -13.33
N GLN A 616 20.96 -10.04 -13.01
N GLN A 616 20.96 -10.06 -12.99
CA GLN A 616 21.69 -9.05 -12.22
CA GLN A 616 21.67 -9.04 -12.25
C GLN A 616 22.39 -8.11 -13.20
C GLN A 616 22.34 -8.11 -13.27
N ILE A 617 21.92 -6.85 -13.24
CA ILE A 617 22.36 -5.89 -14.25
C ILE A 617 23.39 -4.93 -13.64
N SER A 618 24.54 -4.83 -14.30
N SER A 618 24.52 -4.76 -14.32
CA SER A 618 25.64 -4.01 -13.84
CA SER A 618 25.52 -3.81 -13.89
C SER A 618 25.76 -2.70 -14.64
C SER A 618 25.65 -2.67 -14.92
N SER B 1 -21.42 -11.43 18.04
CA SER B 1 -21.25 -10.15 18.76
C SER B 1 -20.53 -10.39 20.10
N HIS B 2 -19.98 -9.31 20.68
CA HIS B 2 -19.50 -9.35 22.05
C HIS B 2 -20.21 -8.23 22.78
N SER B 3 -19.85 -8.02 24.05
CA SER B 3 -20.36 -6.92 24.85
C SER B 3 -19.28 -6.43 25.80
N SER B 4 -19.18 -5.11 25.93
CA SER B 4 -18.33 -4.50 26.95
C SER B 4 -19.14 -4.19 28.19
N GLY B 5 -20.45 -4.43 28.15
CA GLY B 5 -21.30 -4.22 29.32
C GLY B 5 -21.67 -2.73 29.49
N ALA B 6 -22.48 -2.46 30.51
CA ALA B 6 -22.86 -1.08 30.85
C ALA B 6 -22.17 -0.69 32.16
N ALA B 7 -21.90 0.63 32.33
CA ALA B 7 -21.01 1.13 33.37
C ALA B 7 -21.79 1.57 34.61
C1 GOL C . 2.31 -21.19 -1.09
O1 GOL C . 3.14 -22.16 -1.71
C2 GOL C . 2.99 -19.84 -0.98
O2 GOL C . 3.12 -19.16 -2.23
C3 GOL C . 2.34 -18.95 0.05
O3 GOL C . 3.26 -18.02 0.57
C1 GOL D . 12.13 7.01 17.72
O1 GOL D . 12.96 6.10 18.44
C2 GOL D . 11.36 7.89 18.66
O2 GOL D . 12.15 9.03 19.00
C3 GOL D . 10.00 8.30 18.16
O3 GOL D . 8.99 7.60 18.87
C1 GOL E . -11.23 -21.88 -9.29
O1 GOL E . -11.18 -22.01 -10.70
C2 GOL E . -11.92 -20.60 -8.87
O2 GOL E . -13.29 -20.86 -8.55
C3 GOL E . -11.25 -19.92 -7.71
O3 GOL E . -11.45 -18.52 -7.79
C1 GOL F . 4.46 2.38 21.72
O1 GOL F . 5.79 1.88 21.81
C2 GOL F . 3.71 1.86 20.51
O2 GOL F . 4.09 0.52 20.22
C3 GOL F . 2.20 1.98 20.59
O3 GOL F . 1.70 3.03 19.77
C1 GOL G . -14.96 8.38 -2.03
O1 GOL G . -15.07 7.08 -2.53
C2 GOL G . -14.17 8.31 -0.75
O2 GOL G . -12.84 8.63 -1.06
C3 GOL G . -14.69 9.28 0.29
O3 GOL G . -13.80 9.45 1.40
O1 PG4 H . -9.40 9.34 -17.98
C1 PG4 H . -9.31 10.54 -17.25
C2 PG4 H . -7.95 11.14 -17.28
O2 PG4 H . -8.05 12.50 -16.89
C3 PG4 H . -8.43 12.70 -15.54
C4 PG4 H . -8.54 14.16 -15.31
O3 PG4 H . -8.82 14.40 -13.93
C5 PG4 H . -10.04 13.82 -13.50
C6 PG4 H . -10.31 14.23 -12.09
O4 PG4 H . -11.27 13.32 -11.55
C7 PG4 H . -11.04 11.97 -11.99
C8 PG4 H . -11.97 11.06 -11.41
O5 PG4 H . -12.22 9.93 -12.15
CA CA I . -22.14 -1.59 18.80
CL CL J . 21.08 -15.10 -4.28
BR BR K . 8.34 -19.32 12.53
#